data_6GAO
#
_entry.id   6GAO
#
_cell.length_a   72.650
_cell.length_b   33.990
_cell.length_c   123.480
_cell.angle_alpha   90.00
_cell.angle_beta   101.38
_cell.angle_gamma   90.00
#
_symmetry.space_group_name_H-M   'P 1 21 1'
#
loop_
_entity.id
_entity.type
_entity.pdbx_description
1 polymer 'Outer capsid protein sigma-1'
2 non-polymer 'CHLORIDE ION'
3 water water
#
_entity_poly.entity_id   1
_entity_poly.type   'polypeptide(L)'
_entity_poly.pdbx_seq_one_letter_code
;GSHMEEIKKQVQVNVDDIRAANIKLDGLGRQIADISNSISTIESRLGEMDNRLVGISSQVTQLSNSVSQNTQSISSLGDR
INAVEPRVDSLDTVTSNLTGRTSTLEADVGSLRTELAALTTRVTTEVTRLDGLINSGQNSIGELSTRLSNVETSMVTTAG
RGLQKNGNTLNVIVGNGMWFNSSNQLQLDLSGQSKGVGFVGTGMVVKIDTNYFAYNSNGEITLVSQINELPSRVSTLESA
;
_entity_poly.pdbx_strand_id   A,B,C
#
loop_
_chem_comp.id
_chem_comp.type
_chem_comp.name
_chem_comp.formula
CL non-polymer 'CHLORIDE ION' 'Cl -1'
#
# COMPACT_ATOMS: atom_id res chain seq x y z
N HIS A 3 -120.13 76.63 -63.19
CA HIS A 3 -118.79 76.68 -63.78
C HIS A 3 -117.84 77.50 -62.90
N MET A 4 -118.24 78.73 -62.56
CA MET A 4 -117.40 79.54 -61.66
C MET A 4 -117.31 78.90 -60.29
N GLU A 5 -118.43 78.36 -59.80
CA GLU A 5 -118.45 77.79 -58.48
C GLU A 5 -117.64 76.50 -58.43
N GLU A 6 -117.66 75.75 -59.52
CA GLU A 6 -116.91 74.51 -59.56
C GLU A 6 -115.41 74.78 -59.54
N ILE A 7 -114.94 75.76 -60.31
CA ILE A 7 -113.51 76.04 -60.33
C ILE A 7 -113.06 76.61 -58.99
N LYS A 8 -113.89 77.48 -58.39
CA LYS A 8 -113.55 78.07 -57.10
C LYS A 8 -113.35 76.99 -56.02
N LYS A 9 -114.16 75.93 -56.05
CA LYS A 9 -114.03 74.88 -55.05
C LYS A 9 -112.76 74.06 -55.29
N GLN A 10 -112.44 73.75 -56.55
CA GLN A 10 -111.21 73.00 -56.80
C GLN A 10 -109.99 73.83 -56.41
N VAL A 11 -110.08 75.16 -56.43
CA VAL A 11 -108.95 75.97 -56.01
C VAL A 11 -108.76 75.89 -54.50
N GLN A 12 -109.86 75.97 -53.74
CA GLN A 12 -109.75 75.78 -52.29
C GLN A 12 -109.28 74.37 -51.98
N VAL A 13 -109.76 73.36 -52.72
CA VAL A 13 -109.27 72.00 -52.49
C VAL A 13 -107.77 71.95 -52.71
N ASN A 14 -107.28 72.71 -53.71
CA ASN A 14 -105.86 72.76 -53.98
C ASN A 14 -105.13 73.43 -52.84
N VAL A 15 -105.70 74.50 -52.27
CA VAL A 15 -105.05 75.16 -51.13
C VAL A 15 -104.83 74.17 -50.00
N ASP A 16 -105.85 73.33 -49.72
CA ASP A 16 -105.76 72.37 -48.62
C ASP A 16 -104.83 71.21 -48.95
N ASP A 17 -104.78 70.78 -50.21
CA ASP A 17 -103.86 69.70 -50.54
C ASP A 17 -102.42 70.16 -50.49
N ILE A 18 -102.16 71.37 -50.96
CA ILE A 18 -100.82 71.91 -50.86
C ILE A 18 -100.39 71.93 -49.42
N ARG A 19 -101.25 72.47 -48.55
CA ARG A 19 -100.93 72.54 -47.13
C ARG A 19 -100.60 71.17 -46.56
N ALA A 20 -101.40 70.17 -46.92
CA ALA A 20 -101.20 68.82 -46.42
C ALA A 20 -99.90 68.26 -46.95
N ALA A 21 -99.59 68.54 -48.22
CA ALA A 21 -98.34 68.02 -48.75
C ALA A 21 -97.16 68.64 -48.04
N ASN A 22 -97.26 69.92 -47.63
CA ASN A 22 -96.15 70.53 -46.90
C ASN A 22 -95.97 69.87 -45.54
N ILE A 23 -97.10 69.50 -44.91
CA ILE A 23 -97.03 68.80 -43.64
C ILE A 23 -96.32 67.48 -43.82
N LYS A 24 -96.81 66.67 -44.77
CA LYS A 24 -96.20 65.39 -45.10
C LYS A 24 -94.73 65.56 -45.46
N LEU A 25 -94.43 66.57 -46.29
CA LEU A 25 -93.05 66.87 -46.65
C LEU A 25 -92.19 67.13 -45.41
N ASP A 26 -92.72 67.90 -44.44
CA ASP A 26 -91.94 68.24 -43.24
C ASP A 26 -91.66 67.02 -42.38
N GLY A 27 -92.64 66.12 -42.24
CA GLY A 27 -92.41 64.87 -41.52
C GLY A 27 -91.29 64.04 -42.15
N LEU A 28 -91.23 63.95 -43.48
CA LEU A 28 -90.14 63.20 -44.11
C LEU A 28 -88.81 63.92 -43.92
N GLY A 29 -88.79 65.24 -44.05
CA GLY A 29 -87.57 65.97 -43.80
C GLY A 29 -87.04 65.77 -42.40
N ARG A 30 -87.93 65.74 -41.40
CA ARG A 30 -87.50 65.39 -40.05
C ARG A 30 -86.92 63.99 -40.00
N GLN A 31 -87.55 63.04 -40.71
CA GLN A 31 -87.04 61.68 -40.64
C GLN A 31 -85.67 61.61 -41.27
N ILE A 32 -85.46 62.40 -42.33
CA ILE A 32 -84.16 62.45 -42.98
C ILE A 32 -83.12 63.09 -42.07
N ALA A 33 -83.54 64.08 -41.26
CA ALA A 33 -82.61 64.71 -40.33
C ALA A 33 -82.22 63.72 -39.24
N ASP A 34 -83.14 62.86 -38.82
CA ASP A 34 -82.79 61.83 -37.86
C ASP A 34 -81.78 60.87 -38.46
N ILE A 35 -82.01 60.47 -39.72
CA ILE A 35 -81.11 59.52 -40.38
C ILE A 35 -79.70 60.11 -40.52
N SER A 36 -79.61 61.43 -40.78
CA SER A 36 -78.29 62.06 -40.85
C SER A 36 -77.60 62.07 -39.51
N ASN A 37 -78.35 62.31 -38.44
CA ASN A 37 -77.80 62.17 -37.10
C ASN A 37 -77.24 60.77 -36.89
N SER A 38 -77.96 59.73 -37.34
CA SER A 38 -77.45 58.37 -37.21
C SER A 38 -76.19 58.16 -38.05
N ILE A 39 -76.16 58.70 -39.26
CA ILE A 39 -74.94 58.65 -40.09
C ILE A 39 -73.76 59.20 -39.28
N SER A 40 -73.90 60.43 -38.76
CA SER A 40 -72.80 61.04 -37.99
C SER A 40 -72.41 60.20 -36.77
N THR A 41 -73.39 59.60 -36.09
CA THR A 41 -73.05 58.76 -34.95
C THR A 41 -72.31 57.51 -35.40
N ILE A 42 -72.71 56.94 -36.54
CA ILE A 42 -72.05 55.75 -37.04
C ILE A 42 -70.60 56.04 -37.39
N GLU A 43 -70.35 57.16 -38.08
CA GLU A 43 -69.00 57.49 -38.52
C GLU A 43 -68.06 57.80 -37.34
N SER A 44 -68.58 58.39 -36.29
CA SER A 44 -67.77 58.61 -35.09
C SER A 44 -67.36 57.27 -34.50
N ARG A 45 -68.34 56.40 -34.29
CA ARG A 45 -68.08 55.04 -33.84
C ARG A 45 -67.09 54.31 -34.74
N LEU A 46 -67.19 54.52 -36.07
CA LEU A 46 -66.25 53.89 -37.01
C LEU A 46 -64.82 54.33 -36.73
N GLY A 47 -64.60 55.64 -36.64
CA GLY A 47 -63.27 56.14 -36.37
C GLY A 47 -62.76 55.74 -35.00
N GLU A 48 -63.65 55.72 -33.99
CA GLU A 48 -63.21 55.33 -32.66
C GLU A 48 -62.81 53.87 -32.66
N MET A 49 -63.54 53.05 -33.41
CA MET A 49 -63.27 51.61 -33.48
C MET A 49 -62.00 51.32 -34.24
N ASP A 50 -61.70 52.13 -35.26
CA ASP A 50 -60.47 51.97 -36.02
C ASP A 50 -59.24 52.27 -35.16
N ASN A 51 -59.30 53.30 -34.30
CA ASN A 51 -58.18 53.54 -33.39
C ASN A 51 -58.00 52.38 -32.44
N ARG A 52 -59.09 51.84 -31.89
CA ARG A 52 -58.95 50.73 -30.95
C ARG A 52 -58.39 49.50 -31.66
N LEU A 53 -58.81 49.28 -32.91
CA LEU A 53 -58.29 48.17 -33.70
C LEU A 53 -56.79 48.26 -33.85
N VAL A 54 -56.30 49.44 -34.25
CA VAL A 54 -54.86 49.65 -34.37
C VAL A 54 -54.16 49.39 -33.03
N GLY A 55 -54.70 49.93 -31.93
CA GLY A 55 -54.07 49.70 -30.63
C GLY A 55 -54.02 48.23 -30.25
N ILE A 56 -55.13 47.51 -30.45
CA ILE A 56 -55.15 46.11 -30.05
C ILE A 56 -54.21 45.30 -30.92
N SER A 57 -54.26 45.52 -32.24
CA SER A 57 -53.39 44.73 -33.11
C SER A 57 -51.92 45.01 -32.80
N SER A 58 -51.60 46.26 -32.42
CA SER A 58 -50.28 46.61 -31.96
C SER A 58 -49.88 45.83 -30.71
N GLN A 59 -50.73 45.82 -29.67
CA GLN A 59 -50.44 45.03 -28.48
C GLN A 59 -50.28 43.56 -28.80
N VAL A 60 -51.15 43.02 -29.66
CA VAL A 60 -51.08 41.59 -29.95
C VAL A 60 -49.76 41.23 -30.65
N THR A 61 -49.31 42.06 -31.62
CA THR A 61 -48.00 41.81 -32.24
C THR A 61 -46.87 41.93 -31.22
N GLN A 62 -46.94 42.92 -30.33
CA GLN A 62 -45.92 43.06 -29.29
C GLN A 62 -45.95 41.87 -28.33
N LEU A 63 -47.15 41.39 -27.98
CA LEU A 63 -47.23 40.17 -27.19
C LEU A 63 -46.59 39.01 -27.92
N SER A 64 -46.83 38.87 -29.23
CA SER A 64 -46.28 37.73 -29.94
C SER A 64 -44.76 37.75 -30.00
N ASN A 65 -44.15 38.95 -30.05
CA ASN A 65 -42.70 39.05 -29.97
C ASN A 65 -42.18 38.48 -28.65
N SER A 66 -42.89 38.76 -27.54
CA SER A 66 -42.47 38.24 -26.25
C SER A 66 -42.66 36.73 -26.16
N VAL A 67 -43.67 36.19 -26.85
CA VAL A 67 -43.94 34.77 -26.77
C VAL A 67 -42.90 34.00 -27.55
N SER A 68 -42.49 34.54 -28.71
CA SER A 68 -41.44 33.92 -29.50
C SER A 68 -40.11 33.93 -28.76
N GLN A 69 -39.77 35.05 -28.10
CA GLN A 69 -38.59 35.07 -27.26
C GLN A 69 -38.66 34.01 -26.18
N ASN A 70 -39.85 33.79 -25.61
CA ASN A 70 -39.97 32.80 -24.55
C ASN A 70 -39.80 31.39 -25.11
N THR A 71 -40.44 31.11 -26.24
CA THR A 71 -40.29 29.81 -26.90
C THR A 71 -38.83 29.53 -27.16
N GLN A 72 -38.15 30.50 -27.76
CA GLN A 72 -36.73 30.38 -28.03
C GLN A 72 -35.91 30.13 -26.76
N SER A 73 -36.22 30.82 -25.66
CA SER A 73 -35.47 30.63 -24.43
C SER A 73 -35.71 29.26 -23.83
N ILE A 74 -36.95 28.81 -23.87
CA ILE A 74 -37.31 27.50 -23.37
C ILE A 74 -36.52 26.44 -24.11
N SER A 75 -36.46 26.54 -25.43
CA SER A 75 -35.69 25.60 -26.23
C SER A 75 -34.21 25.60 -25.83
N SER A 76 -33.64 26.79 -25.59
CA SER A 76 -32.25 26.87 -25.17
C SER A 76 -32.06 26.24 -23.78
N LEU A 77 -32.95 26.57 -22.84
CA LEU A 77 -32.89 25.95 -21.52
C LEU A 77 -33.02 24.44 -21.64
N GLY A 78 -33.90 23.97 -22.52
CA GLY A 78 -34.04 22.55 -22.74
C GLY A 78 -32.75 21.87 -23.13
N ASP A 79 -32.00 22.47 -24.07
CA ASP A 79 -30.72 21.87 -24.49
C ASP A 79 -29.67 21.89 -23.37
N ARG A 80 -29.67 22.93 -22.55
CA ARG A 80 -28.70 22.95 -21.45
C ARG A 80 -29.02 21.89 -20.40
N ILE A 81 -30.29 21.72 -20.06
CA ILE A 81 -30.66 20.67 -19.13
C ILE A 81 -30.41 19.32 -19.75
N ASN A 82 -30.61 19.20 -21.06
CA ASN A 82 -30.27 17.96 -21.74
C ASN A 82 -28.79 17.65 -21.62
N ALA A 83 -27.95 18.68 -21.68
CA ALA A 83 -26.52 18.44 -21.56
C ALA A 83 -26.14 18.05 -20.13
N VAL A 84 -26.78 18.64 -19.10
CA VAL A 84 -26.31 18.45 -17.73
C VAL A 84 -26.65 17.03 -17.22
N GLU A 85 -27.85 16.54 -17.54
CA GLU A 85 -28.33 15.28 -16.96
C GLU A 85 -27.37 14.12 -17.16
N PRO A 86 -26.88 13.83 -18.37
CA PRO A 86 -25.95 12.70 -18.50
C PRO A 86 -24.63 12.93 -17.82
N ARG A 87 -24.17 14.18 -17.70
CA ARG A 87 -22.95 14.43 -16.94
C ARG A 87 -23.15 14.03 -15.49
N VAL A 88 -24.33 14.36 -14.93
CA VAL A 88 -24.64 13.98 -13.55
C VAL A 88 -24.83 12.46 -13.44
N ASP A 89 -25.55 11.86 -14.40
CA ASP A 89 -25.58 10.40 -14.46
C ASP A 89 -24.18 9.82 -14.35
N SER A 90 -23.26 10.32 -15.18
CA SER A 90 -21.93 9.72 -15.20
C SER A 90 -21.23 9.90 -13.86
N LEU A 91 -21.37 11.08 -13.25
CA LEU A 91 -20.79 11.34 -11.93
C LEU A 91 -21.33 10.39 -10.86
N ASP A 92 -22.64 10.09 -10.86
CA ASP A 92 -23.16 9.10 -9.92
C ASP A 92 -22.46 7.75 -10.10
N THR A 93 -22.39 7.26 -11.34
CA THR A 93 -21.72 5.99 -11.60
C THR A 93 -20.27 6.05 -11.15
N VAL A 94 -19.58 7.13 -11.48
CA VAL A 94 -18.18 7.21 -11.14
C VAL A 94 -18.00 7.21 -9.62
N THR A 95 -18.76 8.07 -8.90
CA THR A 95 -18.50 8.22 -7.48
C THR A 95 -18.97 7.02 -6.67
N SER A 96 -19.98 6.30 -7.14
CA SER A 96 -20.36 5.11 -6.36
C SER A 96 -19.29 4.04 -6.47
N ASN A 97 -18.64 3.92 -7.62
CA ASN A 97 -17.51 3.00 -7.74
C ASN A 97 -16.32 3.48 -6.90
N LEU A 98 -16.05 4.79 -6.88
CA LEU A 98 -14.96 5.29 -6.05
C LEU A 98 -15.21 5.04 -4.58
N THR A 99 -16.48 5.13 -4.15
CA THR A 99 -16.80 4.94 -2.73
C THR A 99 -16.54 3.51 -2.30
N GLY A 100 -16.92 2.52 -3.13
CA GLY A 100 -16.52 1.15 -2.87
C GLY A 100 -15.00 0.97 -2.88
N ARG A 101 -14.32 1.55 -3.88
CA ARG A 101 -12.89 1.36 -4.02
C ARG A 101 -12.13 1.98 -2.83
N THR A 102 -12.60 3.13 -2.34
CA THR A 102 -12.02 3.75 -1.15
C THR A 102 -12.16 2.86 0.07
N SER A 103 -13.34 2.29 0.27
CA SER A 103 -13.60 1.45 1.44
C SER A 103 -12.75 0.19 1.41
N THR A 104 -12.62 -0.42 0.24
CA THR A 104 -11.73 -1.57 0.13
C THR A 104 -10.30 -1.18 0.50
N LEU A 105 -9.87 0.01 0.07
CA LEU A 105 -8.52 0.47 0.35
C LEU A 105 -8.29 0.64 1.85
N GLU A 106 -9.28 1.18 2.56
CA GLU A 106 -9.19 1.30 4.00
C GLU A 106 -9.03 -0.06 4.66
N ALA A 107 -9.76 -1.07 4.16
CA ALA A 107 -9.60 -2.43 4.70
C ALA A 107 -8.20 -2.94 4.42
N ASP A 108 -7.72 -2.78 3.18
CA ASP A 108 -6.39 -3.28 2.85
C ASP A 108 -5.32 -2.56 3.66
N VAL A 109 -5.50 -1.26 3.94
CA VAL A 109 -4.47 -0.59 4.75
C VAL A 109 -4.45 -1.16 6.17
N GLY A 110 -5.62 -1.43 6.75
CA GLY A 110 -5.63 -2.00 8.09
C GLY A 110 -5.04 -3.41 8.09
N SER A 111 -5.28 -4.18 7.01
CA SER A 111 -4.60 -5.47 6.91
C SER A 111 -3.08 -5.33 6.87
N LEU A 112 -2.57 -4.35 6.10
CA LEU A 112 -1.13 -4.14 6.02
C LEU A 112 -0.54 -3.76 7.38
N ARG A 113 -1.23 -2.88 8.11
CA ARG A 113 -0.75 -2.48 9.41
C ARG A 113 -0.63 -3.68 10.34
N THR A 114 -1.65 -4.54 10.34
CA THR A 114 -1.64 -5.72 11.19
C THR A 114 -0.48 -6.64 10.85
N GLU A 115 -0.31 -6.94 9.57
CA GLU A 115 0.76 -7.82 9.16
C GLU A 115 2.13 -7.18 9.34
N LEU A 116 2.25 -5.86 9.25
CA LEU A 116 3.52 -5.25 9.56
C LEU A 116 3.81 -5.33 11.07
N ALA A 117 2.81 -5.08 11.91
CA ALA A 117 3.02 -5.09 13.36
C ALA A 117 3.46 -6.46 13.84
N ALA A 118 2.84 -7.50 13.31
CA ALA A 118 3.18 -8.86 13.68
C ALA A 118 4.57 -9.24 13.18
N LEU A 119 4.96 -8.76 11.98
CA LEU A 119 6.30 -9.07 11.48
C LEU A 119 7.38 -8.36 12.29
N THR A 120 7.08 -7.15 12.81
CA THR A 120 8.03 -6.45 13.67
C THR A 120 8.31 -7.23 14.95
N THR A 121 7.27 -7.82 15.56
CA THR A 121 7.48 -8.56 16.80
C THR A 121 8.19 -9.88 16.53
N ARG A 122 7.85 -10.52 15.43
CA ARG A 122 8.54 -11.71 14.97
C ARG A 122 10.04 -11.48 14.85
N VAL A 123 10.45 -10.34 14.27
CA VAL A 123 11.87 -10.07 14.10
C VAL A 123 12.56 -10.00 15.47
N THR A 124 11.93 -9.34 16.45
CA THR A 124 12.47 -9.22 17.82
C THR A 124 12.59 -10.56 18.51
N THR A 125 11.50 -11.33 18.47
CA THR A 125 11.42 -12.68 19.04
C THR A 125 12.54 -13.56 18.53
N GLU A 126 12.72 -13.60 17.21
CA GLU A 126 13.69 -14.53 16.64
C GLU A 126 15.13 -14.07 16.88
N VAL A 127 15.38 -12.76 16.80
CA VAL A 127 16.71 -12.26 17.16
C VAL A 127 17.04 -12.67 18.59
N THR A 128 16.17 -12.32 19.55
CA THR A 128 16.38 -12.75 20.93
C THR A 128 16.63 -14.26 21.03
N ARG A 129 15.84 -15.07 20.30
CA ARG A 129 16.08 -16.51 20.35
C ARG A 129 17.46 -16.86 19.83
N LEU A 130 17.86 -16.25 18.71
CA LEU A 130 19.13 -16.64 18.13
C LEU A 130 20.32 -16.14 18.97
N ASP A 131 20.17 -15.00 19.65
CA ASP A 131 21.20 -14.57 20.59
C ASP A 131 21.37 -15.58 21.71
N GLY A 132 20.25 -16.11 22.22
CA GLY A 132 20.32 -17.13 23.25
C GLY A 132 21.11 -18.35 22.82
N LEU A 133 20.82 -18.86 21.62
CA LEU A 133 21.60 -20.00 21.14
C LEU A 133 23.07 -19.64 20.98
N ILE A 134 23.36 -18.43 20.51
CA ILE A 134 24.76 -18.03 20.33
C ILE A 134 25.44 -17.93 21.68
N ASN A 135 24.74 -17.40 22.68
CA ASN A 135 25.34 -17.28 24.01
C ASN A 135 25.62 -18.65 24.61
N SER A 136 24.68 -19.59 24.47
CA SER A 136 24.94 -20.94 24.95
C SER A 136 26.18 -21.53 24.27
N GLY A 137 26.28 -21.36 22.95
CA GLY A 137 27.43 -21.86 22.21
C GLY A 137 28.74 -21.23 22.63
N GLN A 138 28.75 -19.92 22.89
CA GLN A 138 29.97 -19.28 23.37
C GLN A 138 30.41 -19.89 24.69
N ASN A 139 29.45 -20.16 25.58
CA ASN A 139 29.74 -20.85 26.83
C ASN A 139 30.40 -22.20 26.59
N SER A 140 29.75 -23.07 25.80
CA SER A 140 30.37 -24.32 25.39
C SER A 140 31.81 -24.13 24.90
N ILE A 141 32.07 -23.10 24.07
CA ILE A 141 33.42 -22.87 23.60
C ILE A 141 34.37 -22.57 24.77
N GLY A 142 33.89 -21.80 25.74
CA GLY A 142 34.70 -21.52 26.93
C GLY A 142 35.02 -22.79 27.71
N GLU A 143 34.09 -23.74 27.72
CA GLU A 143 34.34 -25.03 28.37
C GLU A 143 35.41 -25.81 27.62
N LEU A 144 35.28 -25.93 26.29
CA LEU A 144 36.34 -26.57 25.50
C LEU A 144 37.67 -25.91 25.83
N SER A 145 37.70 -24.57 25.84
CA SER A 145 38.93 -23.83 26.09
C SER A 145 39.55 -24.22 27.43
N THR A 146 38.72 -24.39 28.47
CA THR A 146 39.20 -24.83 29.78
C THR A 146 39.82 -26.22 29.69
N ARG A 147 39.17 -27.13 28.95
CA ARG A 147 39.72 -28.45 28.75
C ARG A 147 41.04 -28.41 28.00
N LEU A 148 41.17 -27.50 27.04
CA LEU A 148 42.45 -27.38 26.36
C LEU A 148 43.54 -26.89 27.31
N SER A 149 43.18 -26.00 28.24
CA SER A 149 44.20 -25.48 29.15
C SER A 149 44.67 -26.56 30.10
N ASN A 150 43.76 -27.42 30.53
CA ASN A 150 44.14 -28.51 31.41
C ASN A 150 44.99 -29.52 30.69
N VAL A 151 44.68 -29.79 29.42
CA VAL A 151 45.58 -30.63 28.65
C VAL A 151 46.96 -29.99 28.58
N GLU A 152 47.00 -28.67 28.35
CA GLU A 152 48.28 -27.97 28.14
C GLU A 152 49.18 -28.01 29.39
N THR A 153 48.60 -27.90 30.57
CA THR A 153 49.37 -27.77 31.80
C THR A 153 49.66 -29.10 32.47
N SER A 154 49.09 -30.19 31.97
CA SER A 154 49.35 -31.51 32.52
C SER A 154 50.09 -32.40 31.53
N MET A 155 50.29 -31.95 30.29
CA MET A 155 50.98 -32.74 29.29
C MET A 155 52.46 -32.88 29.62
N VAL A 156 53.09 -33.85 29.00
CA VAL A 156 54.52 -34.03 29.10
C VAL A 156 55.13 -33.72 27.73
N THR A 157 56.01 -32.72 27.68
CA THR A 157 56.67 -32.35 26.45
C THR A 157 58.17 -32.54 26.49
N THR A 158 58.78 -32.72 27.64
CA THR A 158 60.22 -32.60 27.74
C THR A 158 60.81 -33.78 28.49
N ALA A 159 61.79 -34.44 27.86
CA ALA A 159 62.53 -35.53 28.48
C ALA A 159 63.58 -34.98 29.44
N GLY A 160 63.53 -35.40 30.69
CA GLY A 160 64.54 -35.00 31.64
C GLY A 160 65.59 -36.09 31.82
N ARG A 161 66.03 -36.27 33.05
CA ARG A 161 67.13 -37.20 33.32
C ARG A 161 66.75 -38.62 32.92
N GLY A 162 67.61 -39.27 32.15
CA GLY A 162 67.42 -40.67 31.82
C GLY A 162 66.44 -40.94 30.72
N LEU A 163 65.94 -39.91 30.04
CA LEU A 163 64.91 -40.07 29.04
C LEU A 163 65.31 -39.28 27.80
N GLN A 164 64.71 -39.67 26.67
CA GLN A 164 64.89 -38.99 25.40
C GLN A 164 63.59 -39.03 24.61
N LYS A 165 63.18 -37.87 24.10
CA LYS A 165 61.93 -37.78 23.35
C LYS A 165 62.20 -37.96 21.86
N ASN A 166 61.41 -38.79 21.23
CA ASN A 166 61.42 -38.92 19.77
C ASN A 166 59.97 -38.76 19.30
N GLY A 167 59.65 -37.60 18.70
CA GLY A 167 58.27 -37.37 18.34
C GLY A 167 57.34 -37.36 19.54
N ASN A 168 56.41 -38.31 19.59
CA ASN A 168 55.50 -38.44 20.72
C ASN A 168 55.90 -39.61 21.63
N THR A 169 57.10 -40.13 21.48
CA THR A 169 57.55 -41.30 22.23
C THR A 169 58.68 -40.91 23.17
N LEU A 170 58.66 -41.47 24.38
CA LEU A 170 59.79 -41.33 25.29
C LEU A 170 60.56 -42.65 25.31
N ASN A 171 61.88 -42.55 25.44
CA ASN A 171 62.77 -43.69 25.52
C ASN A 171 63.63 -43.53 26.77
N VAL A 172 63.77 -44.58 27.58
CA VAL A 172 64.79 -44.52 28.62
C VAL A 172 66.16 -44.64 27.94
N ILE A 173 67.11 -43.78 28.32
CA ILE A 173 68.46 -43.84 27.76
C ILE A 173 69.47 -44.26 28.83
N VAL A 174 70.37 -45.15 28.45
CA VAL A 174 71.15 -45.95 29.40
C VAL A 174 72.58 -46.13 28.89
N GLY A 175 73.55 -46.13 29.81
CA GLY A 175 74.92 -46.50 29.50
C GLY A 175 75.22 -47.97 29.75
N ASN A 176 76.50 -48.27 29.98
CA ASN A 176 76.95 -49.64 30.16
C ASN A 176 76.38 -50.29 31.42
N GLY A 177 76.25 -51.61 31.36
CA GLY A 177 75.76 -52.39 32.48
C GLY A 177 74.27 -52.61 32.45
N MET A 178 73.56 -52.00 31.51
CA MET A 178 72.12 -52.15 31.43
C MET A 178 71.72 -52.33 29.98
N TRP A 179 70.61 -53.04 29.76
CA TRP A 179 70.00 -53.15 28.44
C TRP A 179 68.53 -53.40 28.63
N PHE A 180 67.80 -53.41 27.51
CA PHE A 180 66.39 -53.72 27.47
C PHE A 180 66.19 -55.12 26.91
N ASN A 181 65.38 -55.92 27.60
CA ASN A 181 65.24 -57.32 27.22
C ASN A 181 64.08 -57.49 26.23
N SER A 182 63.75 -58.73 25.91
CA SER A 182 62.77 -58.87 24.85
C SER A 182 61.34 -58.57 25.33
N SER A 183 61.18 -58.18 26.60
CA SER A 183 59.93 -57.62 27.09
C SER A 183 60.01 -56.12 27.24
N ASN A 184 61.02 -55.48 26.66
CA ASN A 184 61.18 -54.04 26.70
C ASN A 184 61.45 -53.55 28.12
N GLN A 185 61.92 -54.43 28.98
CA GLN A 185 62.21 -54.06 30.37
C GLN A 185 63.65 -53.61 30.50
N LEU A 186 63.86 -52.61 31.34
CA LEU A 186 65.19 -52.18 31.71
C LEU A 186 65.80 -53.22 32.66
N GLN A 187 66.98 -53.76 32.29
CA GLN A 187 67.61 -54.88 33.03
C GLN A 187 69.11 -54.63 33.18
N LEU A 188 69.77 -55.30 34.14
CA LEU A 188 71.22 -55.19 34.18
C LEU A 188 71.86 -56.12 33.13
N ASP A 189 72.99 -55.68 32.59
CA ASP A 189 73.78 -56.51 31.68
C ASP A 189 74.92 -57.17 32.47
N LEU A 190 74.81 -58.49 32.69
CA LEU A 190 75.81 -59.27 33.40
C LEU A 190 76.65 -60.11 32.46
N SER A 191 76.77 -59.66 31.20
CA SER A 191 77.59 -60.29 30.17
C SER A 191 77.19 -61.74 29.96
N GLY A 192 75.87 -61.96 29.84
CA GLY A 192 75.39 -63.33 29.78
C GLY A 192 75.75 -64.21 30.98
N GLN A 193 76.13 -63.61 32.12
CA GLN A 193 76.31 -64.33 33.41
C GLN A 193 77.46 -65.32 33.35
N SER A 194 78.45 -65.05 32.50
CA SER A 194 79.53 -65.98 32.25
C SER A 194 80.87 -65.46 32.78
N LYS A 195 80.86 -64.29 33.44
CA LYS A 195 82.05 -63.61 33.89
C LYS A 195 81.99 -63.25 35.37
N GLY A 196 81.40 -64.13 36.19
CA GLY A 196 81.50 -64.05 37.63
C GLY A 196 80.29 -63.48 38.33
N VAL A 197 79.45 -62.71 37.62
CA VAL A 197 78.22 -62.14 38.18
C VAL A 197 77.02 -62.77 37.48
N GLY A 198 75.96 -63.03 38.25
CA GLY A 198 74.76 -63.66 37.74
C GLY A 198 73.56 -63.10 38.45
N PHE A 199 72.40 -63.54 38.01
CA PHE A 199 71.13 -63.32 38.71
C PHE A 199 70.74 -64.58 39.44
N VAL A 200 70.14 -64.44 40.63
CA VAL A 200 69.37 -65.50 41.24
C VAL A 200 68.00 -64.89 41.40
N GLY A 201 67.03 -65.41 40.63
CA GLY A 201 65.78 -64.70 40.46
C GLY A 201 66.06 -63.34 39.85
N THR A 202 65.54 -62.29 40.49
CA THR A 202 65.80 -60.93 40.04
C THR A 202 67.06 -60.33 40.64
N GLY A 203 67.82 -61.10 41.41
CA GLY A 203 68.83 -60.55 42.30
C GLY A 203 70.24 -60.82 41.80
N MET A 204 71.09 -59.78 41.84
CA MET A 204 72.46 -59.92 41.37
C MET A 204 73.31 -60.65 42.43
N VAL A 205 74.19 -61.53 41.98
CA VAL A 205 75.09 -62.28 42.85
C VAL A 205 76.44 -62.42 42.17
N VAL A 206 77.46 -62.73 42.96
CA VAL A 206 78.76 -63.16 42.46
C VAL A 206 78.72 -64.67 42.36
N LYS A 207 78.98 -65.19 41.17
CA LYS A 207 78.91 -66.63 40.97
C LYS A 207 80.22 -67.24 41.45
N ILE A 208 80.11 -68.25 42.32
CA ILE A 208 81.27 -68.86 43.00
C ILE A 208 81.26 -70.37 42.81
N ASP A 209 82.44 -70.92 42.60
CA ASP A 209 82.65 -72.36 42.64
C ASP A 209 82.56 -72.83 44.09
N THR A 210 81.51 -73.54 44.43
CA THR A 210 81.35 -73.90 45.82
C THR A 210 82.23 -75.07 46.24
N ASN A 211 83.22 -75.44 45.42
CA ASN A 211 84.28 -76.30 45.92
C ASN A 211 85.29 -75.50 46.73
N TYR A 212 85.42 -74.23 46.43
CA TYR A 212 86.49 -73.41 46.97
C TYR A 212 86.00 -72.16 47.65
N PHE A 213 84.81 -71.66 47.30
CA PHE A 213 84.28 -70.45 47.88
C PHE A 213 82.93 -70.73 48.54
N ALA A 214 82.61 -69.85 49.49
CA ALA A 214 81.28 -69.75 50.05
C ALA A 214 81.00 -68.27 50.32
N TYR A 215 79.78 -67.98 50.71
CA TYR A 215 79.45 -66.66 51.22
C TYR A 215 79.43 -66.72 52.73
N ASN A 216 79.99 -65.73 53.39
CA ASN A 216 79.97 -65.80 54.83
C ASN A 216 78.77 -65.02 55.37
N SER A 217 78.69 -64.92 56.69
CA SER A 217 77.56 -64.23 57.30
C SER A 217 77.59 -62.73 57.09
N ASN A 218 78.66 -62.16 56.55
CA ASN A 218 78.67 -60.75 56.19
C ASN A 218 78.29 -60.51 54.75
N GLY A 219 77.93 -61.55 54.01
CA GLY A 219 77.70 -61.43 52.59
C GLY A 219 78.95 -61.35 51.74
N GLU A 220 80.12 -61.52 52.32
CA GLU A 220 81.37 -61.51 51.58
C GLU A 220 81.65 -62.88 51.00
N ILE A 221 82.43 -62.93 49.92
CA ILE A 221 82.91 -64.22 49.46
C ILE A 221 84.08 -64.62 50.34
N THR A 222 84.15 -65.90 50.67
CA THR A 222 85.21 -66.43 51.53
C THR A 222 85.66 -67.78 50.98
N LEU A 223 86.73 -68.34 51.57
CA LEU A 223 87.28 -69.63 51.15
C LEU A 223 86.83 -70.74 52.09
N VAL A 224 86.57 -71.92 51.53
CA VAL A 224 86.18 -73.08 52.33
C VAL A 224 87.34 -74.04 52.44
N SER A 225 87.36 -74.80 53.54
CA SER A 225 88.37 -75.83 53.85
C SER A 225 89.77 -75.53 53.33
N GLY B 1 -114.31 83.90 -70.02
CA GLY B 1 -114.47 83.11 -71.24
C GLY B 1 -113.13 82.54 -71.66
N SER B 2 -112.56 83.08 -72.74
CA SER B 2 -111.17 82.79 -73.08
C SER B 2 -110.25 83.00 -71.88
N HIS B 3 -110.57 83.97 -71.02
CA HIS B 3 -109.83 84.14 -69.78
C HIS B 3 -110.25 83.12 -68.72
N MET B 4 -111.55 82.74 -68.67
CA MET B 4 -111.97 81.66 -67.78
C MET B 4 -111.30 80.34 -68.13
N GLU B 5 -111.07 80.07 -69.41
CA GLU B 5 -110.47 78.80 -69.81
C GLU B 5 -109.00 78.72 -69.42
N GLU B 6 -108.30 79.86 -69.43
CA GLU B 6 -106.90 79.88 -69.04
C GLU B 6 -106.74 79.59 -67.54
N ILE B 7 -107.67 80.08 -66.72
CA ILE B 7 -107.67 79.78 -65.29
C ILE B 7 -107.95 78.29 -65.07
N LYS B 8 -109.00 77.79 -65.73
CA LYS B 8 -109.36 76.37 -65.61
C LYS B 8 -108.20 75.47 -66.01
N LYS B 9 -107.49 75.82 -67.07
CA LYS B 9 -106.33 75.01 -67.45
C LYS B 9 -105.23 75.06 -66.39
N GLN B 10 -104.99 76.22 -65.79
CA GLN B 10 -103.97 76.25 -64.74
C GLN B 10 -104.42 75.48 -63.52
N VAL B 11 -105.72 75.56 -63.17
CA VAL B 11 -106.19 74.83 -61.99
C VAL B 11 -105.99 73.33 -62.18
N GLN B 12 -106.22 72.84 -63.40
CA GLN B 12 -105.98 71.44 -63.74
C GLN B 12 -104.50 71.07 -63.67
N VAL B 13 -103.63 71.90 -64.26
CA VAL B 13 -102.19 71.67 -64.13
C VAL B 13 -101.79 71.61 -62.66
N ASN B 14 -102.41 72.46 -61.82
CA ASN B 14 -102.09 72.44 -60.38
C ASN B 14 -102.54 71.13 -59.71
N VAL B 15 -103.71 70.59 -60.11
CA VAL B 15 -104.16 69.30 -59.59
C VAL B 15 -103.17 68.21 -59.96
N ASP B 16 -102.76 68.20 -61.23
CA ASP B 16 -101.78 67.23 -61.71
C ASP B 16 -100.45 67.35 -60.97
N ASP B 17 -99.99 68.58 -60.73
CA ASP B 17 -98.72 68.83 -60.06
C ASP B 17 -98.73 68.43 -58.58
N ILE B 18 -99.85 68.62 -57.89
CA ILE B 18 -99.97 68.22 -56.50
C ILE B 18 -99.96 66.70 -56.39
N ARG B 19 -100.68 66.05 -57.31
CA ARG B 19 -100.61 64.62 -57.49
C ARG B 19 -99.19 64.16 -57.71
N ALA B 20 -98.47 64.85 -58.60
CA ALA B 20 -97.06 64.48 -58.82
C ALA B 20 -96.24 64.64 -57.55
N ALA B 21 -96.54 65.68 -56.76
CA ALA B 21 -95.72 65.93 -55.58
C ALA B 21 -95.94 64.82 -54.56
N ASN B 22 -97.18 64.37 -54.42
CA ASN B 22 -97.53 63.32 -53.48
C ASN B 22 -96.93 61.98 -53.86
N ILE B 23 -96.79 61.71 -55.15
CA ILE B 23 -96.16 60.47 -55.55
C ILE B 23 -94.66 60.56 -55.32
N LYS B 24 -94.08 61.73 -55.58
CA LYS B 24 -92.69 61.93 -55.21
C LYS B 24 -92.50 61.78 -53.71
N LEU B 25 -93.43 62.30 -52.89
CA LEU B 25 -93.32 62.11 -51.45
C LEU B 25 -93.40 60.62 -51.06
N ASP B 26 -94.20 59.82 -51.78
CA ASP B 26 -94.25 58.39 -51.51
C ASP B 26 -92.93 57.72 -51.88
N GLY B 27 -92.35 58.13 -53.00
CA GLY B 27 -91.05 57.59 -53.37
C GLY B 27 -89.93 57.96 -52.41
N LEU B 28 -90.00 59.15 -51.82
CA LEU B 28 -89.01 59.50 -50.80
C LEU B 28 -89.17 58.62 -49.56
N GLY B 29 -90.41 58.36 -49.16
CA GLY B 29 -90.66 57.45 -48.05
C GLY B 29 -90.12 56.05 -48.33
N ARG B 30 -90.33 55.53 -49.54
CA ARG B 30 -89.73 54.23 -49.87
C ARG B 30 -88.22 54.26 -49.65
N GLN B 31 -87.55 55.27 -50.21
CA GLN B 31 -86.11 55.37 -50.08
C GLN B 31 -85.68 55.60 -48.64
N ILE B 32 -86.46 56.39 -47.89
CA ILE B 32 -86.17 56.57 -46.46
C ILE B 32 -86.26 55.23 -45.74
N ALA B 33 -87.24 54.40 -46.09
CA ALA B 33 -87.38 53.12 -45.40
C ALA B 33 -86.23 52.19 -45.73
N ASP B 34 -85.86 52.14 -47.01
CA ASP B 34 -84.73 51.31 -47.43
C ASP B 34 -83.45 51.71 -46.71
N ILE B 35 -83.19 53.01 -46.60
CA ILE B 35 -82.02 53.53 -45.89
C ILE B 35 -82.06 53.14 -44.42
N SER B 36 -83.21 53.32 -43.76
CA SER B 36 -83.32 52.89 -42.37
C SER B 36 -83.05 51.41 -42.21
N ASN B 37 -83.40 50.62 -43.23
CA ASN B 37 -83.04 49.22 -43.17
C ASN B 37 -81.52 49.06 -43.23
N SER B 38 -80.83 49.88 -44.03
CA SER B 38 -79.38 49.76 -44.11
C SER B 38 -78.74 50.17 -42.78
N ILE B 39 -79.22 51.25 -42.17
CA ILE B 39 -78.71 51.72 -40.88
C ILE B 39 -78.90 50.66 -39.81
N SER B 40 -80.10 50.08 -39.73
CA SER B 40 -80.39 48.96 -38.83
C SER B 40 -79.32 47.87 -38.93
N THR B 41 -79.12 47.36 -40.14
CA THR B 41 -78.07 46.42 -40.46
C THR B 41 -76.69 46.89 -39.99
N ILE B 42 -76.38 48.17 -40.22
CA ILE B 42 -75.09 48.71 -39.83
C ILE B 42 -74.97 48.71 -38.30
N GLU B 43 -76.02 49.15 -37.61
CA GLU B 43 -75.94 49.19 -36.14
C GLU B 43 -75.74 47.81 -35.55
N SER B 44 -76.36 46.78 -36.14
CA SER B 44 -76.19 45.43 -35.64
C SER B 44 -74.74 44.96 -35.80
N ARG B 45 -74.15 45.29 -36.95
CA ARG B 45 -72.76 44.93 -37.19
C ARG B 45 -71.82 45.68 -36.25
N LEU B 46 -72.06 46.97 -36.02
CA LEU B 46 -71.24 47.68 -35.05
C LEU B 46 -71.36 47.03 -33.68
N GLY B 47 -72.52 46.45 -33.35
CA GLY B 47 -72.68 45.84 -32.05
C GLY B 47 -71.91 44.54 -31.93
N GLU B 48 -71.93 43.72 -32.98
CA GLU B 48 -71.07 42.54 -33.01
C GLU B 48 -69.60 42.92 -32.83
N MET B 49 -69.12 43.93 -33.56
CA MET B 49 -67.70 44.27 -33.49
C MET B 49 -67.30 44.81 -32.12
N ASP B 50 -68.11 45.71 -31.55
CA ASP B 50 -67.86 46.20 -30.19
C ASP B 50 -67.75 45.07 -29.19
N ASN B 51 -68.66 44.10 -29.25
CA ASN B 51 -68.58 43.00 -28.30
C ASN B 51 -67.34 42.15 -28.53
N ARG B 52 -67.06 41.81 -29.79
CA ARG B 52 -65.83 41.08 -30.09
C ARG B 52 -64.59 41.87 -29.66
N LEU B 53 -64.61 43.19 -29.81
CA LEU B 53 -63.46 43.98 -29.37
C LEU B 53 -63.26 43.86 -27.87
N VAL B 54 -64.34 43.93 -27.09
CA VAL B 54 -64.22 43.83 -25.65
C VAL B 54 -63.71 42.44 -25.26
N GLY B 55 -64.22 41.40 -25.92
CA GLY B 55 -63.73 40.07 -25.63
C GLY B 55 -62.23 39.93 -25.92
N ILE B 56 -61.78 40.51 -27.04
CA ILE B 56 -60.39 40.34 -27.44
C ILE B 56 -59.46 41.02 -26.45
N SER B 57 -59.74 42.28 -26.14
CA SER B 57 -58.83 43.01 -25.26
C SER B 57 -58.81 42.40 -23.88
N SER B 58 -59.91 41.78 -23.48
CA SER B 58 -59.94 41.07 -22.21
C SER B 58 -59.06 39.83 -22.30
N GLN B 59 -59.24 39.04 -23.35
CA GLN B 59 -58.37 37.90 -23.58
C GLN B 59 -56.90 38.29 -23.65
N VAL B 60 -56.61 39.48 -24.20
CA VAL B 60 -55.23 39.93 -24.34
C VAL B 60 -54.65 40.31 -22.97
N THR B 61 -55.47 40.84 -22.06
CA THR B 61 -54.97 41.16 -20.72
C THR B 61 -54.59 39.89 -19.95
N GLN B 62 -55.38 38.84 -20.07
CA GLN B 62 -55.08 37.61 -19.34
C GLN B 62 -53.87 36.93 -19.93
N LEU B 63 -53.82 36.84 -21.26
CA LEU B 63 -52.63 36.37 -21.95
C LEU B 63 -51.38 37.13 -21.50
N SER B 64 -51.47 38.46 -21.47
CA SER B 64 -50.38 39.30 -21.00
C SER B 64 -49.84 38.86 -19.65
N ASN B 65 -50.73 38.53 -18.69
CA ASN B 65 -50.32 38.09 -17.37
C ASN B 65 -49.60 36.75 -17.42
N SER B 66 -50.09 35.80 -18.24
CA SER B 66 -49.43 34.51 -18.42
C SER B 66 -48.07 34.65 -19.06
N VAL B 67 -47.95 35.47 -20.10
CA VAL B 67 -46.65 35.69 -20.71
C VAL B 67 -45.68 36.29 -19.69
N SER B 68 -46.11 37.34 -18.97
CA SER B 68 -45.22 37.97 -18.00
C SER B 68 -44.71 36.96 -16.98
N GLN B 69 -45.60 36.08 -16.51
CA GLN B 69 -45.24 35.03 -15.58
C GLN B 69 -44.28 34.02 -16.21
N ASN B 70 -44.53 33.65 -17.46
CA ASN B 70 -43.62 32.73 -18.14
C ASN B 70 -42.22 33.33 -18.30
N THR B 71 -42.13 34.62 -18.66
CA THR B 71 -40.84 35.28 -18.83
C THR B 71 -40.04 35.29 -17.53
N GLN B 72 -40.75 35.55 -16.42
CA GLN B 72 -40.18 35.59 -15.09
C GLN B 72 -39.77 34.18 -14.63
N SER B 73 -40.61 33.17 -14.90
CA SER B 73 -40.26 31.78 -14.65
C SER B 73 -39.02 31.36 -15.43
N ILE B 74 -38.94 31.79 -16.69
CA ILE B 74 -37.81 31.42 -17.52
C ILE B 74 -36.51 31.99 -16.94
N SER B 75 -36.53 33.24 -16.47
CA SER B 75 -35.35 33.83 -15.86
C SER B 75 -34.88 33.04 -14.65
N SER B 76 -35.82 32.67 -13.78
CA SER B 76 -35.47 31.89 -12.62
C SER B 76 -34.86 30.56 -13.05
N LEU B 77 -35.45 29.91 -14.05
CA LEU B 77 -34.90 28.65 -14.55
C LEU B 77 -33.51 28.82 -15.13
N GLY B 78 -33.27 29.93 -15.86
CA GLY B 78 -31.94 30.20 -16.34
C GLY B 78 -30.91 30.36 -15.22
N ASP B 79 -31.34 30.90 -14.07
CA ASP B 79 -30.39 31.14 -13.00
C ASP B 79 -30.00 29.83 -12.34
N ARG B 80 -30.96 28.90 -12.22
CA ARG B 80 -30.65 27.61 -11.62
C ARG B 80 -29.73 26.80 -12.53
N ILE B 81 -29.98 26.80 -13.85
CA ILE B 81 -29.09 26.10 -14.76
C ILE B 81 -27.69 26.72 -14.75
N ASN B 82 -27.62 28.07 -14.71
CA ASN B 82 -26.31 28.73 -14.66
C ASN B 82 -25.56 28.36 -13.39
N ALA B 83 -26.27 28.20 -12.27
CA ALA B 83 -25.61 27.78 -11.03
C ALA B 83 -25.16 26.33 -11.07
N VAL B 84 -25.94 25.45 -11.71
CA VAL B 84 -25.65 24.01 -11.65
C VAL B 84 -24.46 23.66 -12.52
N GLU B 85 -24.39 24.22 -13.73
CA GLU B 85 -23.34 23.88 -14.70
C GLU B 85 -21.90 23.95 -14.15
N PRO B 86 -21.45 25.02 -13.48
CA PRO B 86 -20.08 25.00 -12.92
C PRO B 86 -19.93 24.07 -11.74
N ARG B 87 -21.02 23.73 -11.03
CA ARG B 87 -20.90 22.71 -10.00
C ARG B 87 -20.55 21.36 -10.61
N VAL B 88 -21.17 21.04 -11.75
CA VAL B 88 -20.84 19.80 -12.42
C VAL B 88 -19.41 19.82 -12.97
N ASP B 89 -18.97 20.95 -13.54
CA ASP B 89 -17.55 21.08 -13.92
C ASP B 89 -16.64 20.75 -12.75
N SER B 90 -17.00 21.24 -11.57
CA SER B 90 -16.17 21.11 -10.39
C SER B 90 -16.15 19.66 -9.93
N LEU B 91 -17.31 19.01 -10.02
CA LEU B 91 -17.38 17.59 -9.69
C LEU B 91 -16.60 16.75 -10.69
N ASP B 92 -16.61 17.13 -11.98
CA ASP B 92 -15.79 16.43 -12.97
C ASP B 92 -14.32 16.52 -12.59
N THR B 93 -13.90 17.69 -12.11
CA THR B 93 -12.55 17.87 -11.61
C THR B 93 -12.25 16.99 -10.40
N VAL B 94 -13.12 17.01 -9.40
CA VAL B 94 -12.81 16.26 -8.18
C VAL B 94 -12.75 14.77 -8.47
N THR B 95 -13.76 14.25 -9.20
CA THR B 95 -13.83 12.82 -9.45
C THR B 95 -12.70 12.37 -10.36
N SER B 96 -12.31 13.19 -11.34
CA SER B 96 -11.17 12.77 -12.14
C SER B 96 -9.88 12.85 -11.33
N ASN B 97 -9.76 13.79 -10.39
CA ASN B 97 -8.60 13.77 -9.51
C ASN B 97 -8.65 12.63 -8.48
N LEU B 98 -9.84 12.31 -7.97
CA LEU B 98 -10.01 11.15 -7.08
C LEU B 98 -9.73 9.84 -7.81
N THR B 99 -10.17 9.73 -9.06
CA THR B 99 -9.89 8.54 -9.85
C THR B 99 -8.38 8.28 -9.96
N GLY B 100 -7.62 9.28 -10.41
CA GLY B 100 -6.16 9.10 -10.50
C GLY B 100 -5.52 8.72 -9.19
N ARG B 101 -5.93 9.37 -8.10
CA ARG B 101 -5.30 9.11 -6.80
CA ARG B 101 -5.30 9.11 -6.80
C ARG B 101 -5.70 7.75 -6.25
N THR B 102 -6.89 7.29 -6.57
CA THR B 102 -7.36 5.98 -6.11
C THR B 102 -6.63 4.86 -6.83
N SER B 103 -6.55 4.93 -8.15
CA SER B 103 -5.69 4.02 -8.91
C SER B 103 -4.28 3.99 -8.37
N THR B 104 -3.75 5.15 -8.02
CA THR B 104 -2.38 5.20 -7.50
C THR B 104 -2.27 4.51 -6.14
N LEU B 105 -3.26 4.75 -5.27
CA LEU B 105 -3.29 4.08 -3.98
C LEU B 105 -3.42 2.58 -4.15
N GLU B 106 -4.28 2.14 -5.07
CA GLU B 106 -4.41 0.71 -5.33
C GLU B 106 -3.10 0.08 -5.79
N ALA B 107 -2.34 0.76 -6.64
CA ALA B 107 -1.07 0.16 -7.03
C ALA B 107 -0.09 0.17 -5.85
N ASP B 108 -0.12 1.26 -5.04
CA ASP B 108 0.73 1.38 -3.87
C ASP B 108 0.53 0.24 -2.87
N VAL B 109 -0.73 -0.08 -2.54
CA VAL B 109 -0.88 -1.15 -1.57
C VAL B 109 -0.64 -2.50 -2.21
N GLY B 110 -0.77 -2.61 -3.54
CA GLY B 110 -0.22 -3.76 -4.24
C GLY B 110 1.29 -3.92 -4.07
N SER B 111 2.05 -2.87 -4.36
CA SER B 111 3.49 -2.91 -4.09
C SER B 111 3.79 -3.28 -2.63
N LEU B 112 3.10 -2.63 -1.69
CA LEU B 112 3.37 -2.89 -0.27
C LEU B 112 3.16 -4.36 0.06
N ARG B 113 2.03 -4.92 -0.37
CA ARG B 113 1.77 -6.32 -0.06
C ARG B 113 2.85 -7.20 -0.66
N THR B 114 3.32 -6.85 -1.86
CA THR B 114 4.41 -7.63 -2.44
C THR B 114 5.71 -7.43 -1.66
N GLU B 115 6.01 -6.18 -1.26
CA GLU B 115 7.20 -5.91 -0.45
C GLU B 115 7.12 -6.62 0.90
N LEU B 116 5.96 -6.54 1.55
CA LEU B 116 5.81 -7.13 2.87
C LEU B 116 5.92 -8.65 2.81
N ALA B 117 5.42 -9.27 1.73
CA ALA B 117 5.54 -10.72 1.55
C ALA B 117 6.98 -11.16 1.31
N ALA B 118 7.74 -10.37 0.54
CA ALA B 118 9.16 -10.63 0.35
C ALA B 118 9.95 -10.50 1.66
N LEU B 119 9.61 -9.50 2.49
CA LEU B 119 10.36 -9.33 3.71
C LEU B 119 10.08 -10.45 4.69
N THR B 120 8.83 -10.93 4.72
CA THR B 120 8.50 -12.10 5.55
C THR B 120 9.30 -13.30 5.12
N THR B 121 9.36 -13.56 3.80
CA THR B 121 10.14 -14.67 3.29
C THR B 121 11.62 -14.48 3.59
N ARG B 122 12.14 -13.27 3.43
CA ARG B 122 13.53 -13.00 3.76
C ARG B 122 13.80 -13.34 5.22
N VAL B 123 12.92 -12.91 6.12
CA VAL B 123 13.10 -13.18 7.54
C VAL B 123 13.16 -14.69 7.79
N THR B 124 12.22 -15.45 7.20
CA THR B 124 12.25 -16.91 7.22
C THR B 124 13.56 -17.45 6.65
N THR B 125 13.95 -16.97 5.49
CA THR B 125 15.13 -17.51 4.83
C THR B 125 16.38 -17.27 5.68
N GLU B 126 16.50 -16.09 6.30
CA GLU B 126 17.68 -15.78 7.10
C GLU B 126 17.66 -16.52 8.44
N VAL B 127 16.51 -16.65 9.09
CA VAL B 127 16.42 -17.37 10.37
C VAL B 127 16.81 -18.82 10.17
N THR B 128 16.31 -19.45 9.11
CA THR B 128 16.76 -20.76 8.68
C THR B 128 18.28 -20.77 8.56
N ARG B 129 18.83 -19.92 7.70
CA ARG B 129 20.27 -19.91 7.49
C ARG B 129 21.01 -19.73 8.81
N LEU B 130 20.55 -18.81 9.65
CA LEU B 130 21.23 -18.56 10.92
C LEU B 130 21.13 -19.78 11.84
N ASP B 131 19.96 -20.40 11.91
CA ASP B 131 19.85 -21.66 12.64
C ASP B 131 20.77 -22.71 12.03
N GLY B 132 20.90 -22.68 10.70
CA GLY B 132 21.85 -23.56 10.02
C GLY B 132 23.27 -23.42 10.56
N LEU B 133 23.77 -22.20 10.62
CA LEU B 133 25.14 -21.95 11.08
C LEU B 133 25.30 -22.33 12.54
N ILE B 134 24.26 -22.10 13.35
CA ILE B 134 24.36 -22.45 14.76
C ILE B 134 24.44 -23.95 14.92
N ASN B 135 23.60 -24.69 14.17
CA ASN B 135 23.59 -26.14 14.28
C ASN B 135 24.88 -26.72 13.72
N SER B 136 25.42 -26.11 12.66
CA SER B 136 26.78 -26.49 12.24
C SER B 136 27.79 -26.19 13.35
N GLY B 137 27.63 -25.05 14.03
CA GLY B 137 28.54 -24.76 15.13
C GLY B 137 28.49 -25.83 16.18
N GLN B 138 27.28 -26.27 16.53
CA GLN B 138 27.13 -27.38 17.46
C GLN B 138 27.84 -28.63 16.94
N ASN B 139 27.83 -28.85 15.62
CA ASN B 139 28.58 -29.98 15.07
C ASN B 139 30.07 -29.85 15.35
N SER B 140 30.61 -28.64 15.15
CA SER B 140 32.04 -28.42 15.33
C SER B 140 32.45 -28.54 16.78
N ILE B 141 31.62 -28.03 17.69
CA ILE B 141 31.90 -28.15 19.10
C ILE B 141 32.03 -29.63 19.48
N GLY B 142 31.13 -30.47 18.98
CA GLY B 142 31.21 -31.88 19.31
C GLY B 142 32.45 -32.54 18.73
N GLU B 143 32.75 -32.25 17.46
CA GLU B 143 33.94 -32.77 16.84
C GLU B 143 35.19 -32.39 17.62
N LEU B 144 35.25 -31.14 18.13
CA LEU B 144 36.39 -30.72 18.93
C LEU B 144 36.35 -31.33 20.32
N SER B 145 35.15 -31.43 20.91
CA SER B 145 35.00 -32.18 22.15
C SER B 145 35.59 -33.57 22.01
N THR B 146 35.21 -34.29 20.94
CA THR B 146 35.69 -35.66 20.75
C THR B 146 37.21 -35.71 20.59
N ARG B 147 37.75 -34.75 19.83
CA ARG B 147 39.19 -34.68 19.69
C ARG B 147 39.88 -34.40 21.03
N LEU B 148 39.23 -33.65 21.91
CA LEU B 148 39.82 -33.38 23.22
C LEU B 148 39.74 -34.62 24.09
N SER B 149 38.62 -35.34 24.01
CA SER B 149 38.51 -36.59 24.76
C SER B 149 39.59 -37.57 24.34
N ASN B 150 39.76 -37.75 23.02
CA ASN B 150 40.77 -38.66 22.51
C ASN B 150 42.16 -38.28 23.02
N VAL B 151 42.50 -36.98 22.94
CA VAL B 151 43.80 -36.54 23.45
C VAL B 151 43.88 -36.74 24.95
N GLU B 152 42.79 -36.42 25.66
CA GLU B 152 42.71 -36.60 27.11
C GLU B 152 43.04 -38.03 27.53
N THR B 153 42.55 -39.01 26.78
CA THR B 153 42.73 -40.40 27.20
C THR B 153 44.07 -41.00 26.78
N SER B 154 44.70 -40.48 25.72
CA SER B 154 45.94 -41.08 25.22
C SER B 154 47.19 -40.44 25.79
N MET B 155 47.13 -39.17 26.18
CA MET B 155 48.33 -38.46 26.61
C MET B 155 48.87 -39.01 27.92
N VAL B 156 50.18 -38.90 28.09
CA VAL B 156 50.84 -39.11 29.38
C VAL B 156 50.69 -37.85 30.22
N THR B 157 50.05 -37.98 31.38
CA THR B 157 50.02 -36.90 32.36
C THR B 157 50.65 -37.24 33.69
N THR B 158 50.88 -38.52 33.99
CA THR B 158 51.18 -38.92 35.36
C THR B 158 52.44 -39.78 35.42
N ALA B 159 53.38 -39.41 36.30
CA ALA B 159 54.60 -40.17 36.52
C ALA B 159 54.30 -41.44 37.30
N GLY B 160 54.65 -42.57 36.74
CA GLY B 160 54.50 -43.83 37.43
C GLY B 160 55.80 -44.27 38.06
N ARG B 161 56.04 -45.58 38.04
CA ARG B 161 57.17 -46.21 38.72
C ARG B 161 58.48 -45.70 38.15
N GLY B 162 59.38 -45.29 39.02
CA GLY B 162 60.68 -44.79 38.60
C GLY B 162 60.67 -43.40 37.98
N LEU B 163 59.60 -42.63 38.14
CA LEU B 163 59.52 -41.38 37.39
C LEU B 163 59.04 -40.25 38.30
N GLN B 164 59.33 -39.02 37.89
CA GLN B 164 58.84 -37.85 38.57
C GLN B 164 58.57 -36.75 37.55
N LYS B 165 57.45 -36.09 37.69
CA LYS B 165 56.99 -35.06 36.75
C LYS B 165 57.24 -33.69 37.34
N ASN B 166 58.05 -32.88 36.65
CA ASN B 166 58.30 -31.50 37.03
C ASN B 166 57.74 -30.63 35.92
N GLY B 167 56.57 -30.06 36.13
CA GLY B 167 56.00 -29.20 35.11
C GLY B 167 55.57 -30.03 33.92
N ASN B 168 56.21 -29.82 32.77
CA ASN B 168 55.98 -30.63 31.59
C ASN B 168 57.17 -31.50 31.25
N THR B 169 58.04 -31.70 32.25
CA THR B 169 59.23 -32.52 32.13
C THR B 169 59.08 -33.77 33.00
N LEU B 170 59.54 -34.89 32.45
CA LEU B 170 59.59 -36.16 33.18
C LEU B 170 61.03 -36.53 33.47
N ASN B 171 61.28 -37.02 34.67
CA ASN B 171 62.63 -37.42 35.08
C ASN B 171 62.55 -38.82 35.66
N VAL B 172 63.47 -39.69 35.27
CA VAL B 172 63.66 -40.91 36.02
C VAL B 172 64.31 -40.58 37.37
N ILE B 173 63.78 -41.18 38.44
CA ILE B 173 64.31 -40.99 39.79
C ILE B 173 64.94 -42.31 40.26
N VAL B 174 66.11 -42.20 40.89
CA VAL B 174 66.97 -43.38 41.13
C VAL B 174 67.44 -43.39 42.58
N GLY B 175 67.69 -44.58 43.10
CA GLY B 175 68.28 -44.76 44.42
C GLY B 175 69.79 -44.78 44.37
N ASN B 176 70.38 -45.43 45.34
CA ASN B 176 71.82 -45.43 45.52
C ASN B 176 72.49 -46.22 44.41
N GLY B 177 73.64 -45.76 43.96
CA GLY B 177 74.40 -46.49 42.98
C GLY B 177 74.16 -46.09 41.55
N MET B 178 73.24 -45.15 41.30
CA MET B 178 72.89 -44.73 39.96
C MET B 178 73.02 -43.23 39.85
N TRP B 179 73.39 -42.76 38.66
CA TRP B 179 73.63 -41.36 38.40
C TRP B 179 73.38 -41.17 36.91
N PHE B 180 73.42 -39.90 36.46
CA PHE B 180 73.21 -39.51 35.08
C PHE B 180 74.41 -38.71 34.58
N ASN B 181 74.83 -38.98 33.33
CA ASN B 181 75.96 -38.25 32.76
C ASN B 181 75.48 -36.93 32.19
N SER B 182 76.37 -36.28 31.42
CA SER B 182 76.08 -34.96 30.86
C SER B 182 74.93 -35.02 29.86
N SER B 183 74.96 -36.01 28.93
CA SER B 183 73.96 -36.48 27.97
C SER B 183 72.61 -36.99 28.64
N ASN B 184 72.41 -36.93 29.95
CA ASN B 184 71.25 -37.48 30.67
C ASN B 184 71.11 -39.01 30.59
N GLN B 185 72.15 -39.75 30.16
CA GLN B 185 72.09 -41.20 30.17
C GLN B 185 72.26 -41.75 31.59
N LEU B 186 71.42 -42.72 31.95
CA LEU B 186 71.54 -43.40 33.22
C LEU B 186 72.82 -44.25 33.28
N GLN B 187 73.48 -44.21 34.43
CA GLN B 187 74.75 -44.90 34.68
C GLN B 187 74.69 -45.62 36.01
N LEU B 188 75.56 -46.63 36.15
CA LEU B 188 75.87 -47.31 37.40
C LEU B 188 77.16 -46.79 38.02
N ASP B 189 77.19 -46.71 39.35
CA ASP B 189 78.43 -46.42 40.06
C ASP B 189 79.11 -47.75 40.41
N LEU B 190 80.22 -48.06 39.73
CA LEU B 190 80.98 -49.26 40.00
C LEU B 190 82.20 -49.02 40.90
N SER B 191 82.19 -47.97 41.72
CA SER B 191 83.36 -47.59 42.53
C SER B 191 84.63 -47.42 41.70
N GLY B 192 84.51 -46.69 40.59
CA GLY B 192 85.69 -46.50 39.75
C GLY B 192 86.23 -47.77 39.18
N GLN B 193 85.45 -48.86 39.25
CA GLN B 193 85.92 -50.20 38.88
C GLN B 193 87.17 -50.62 39.67
N SER B 194 87.29 -50.13 40.91
CA SER B 194 88.46 -50.42 41.73
C SER B 194 88.18 -51.39 42.88
N LYS B 195 86.95 -51.90 43.00
CA LYS B 195 86.59 -52.83 44.06
C LYS B 195 85.96 -54.09 43.47
N GLY B 196 86.55 -54.61 42.39
CA GLY B 196 86.21 -55.92 41.91
C GLY B 196 85.08 -56.00 40.90
N VAL B 197 84.31 -54.94 40.72
CA VAL B 197 83.28 -54.93 39.69
C VAL B 197 83.79 -54.06 38.54
N GLY B 198 83.68 -54.58 37.29
CA GLY B 198 83.98 -53.75 36.14
C GLY B 198 83.06 -53.98 34.94
N PHE B 199 83.29 -53.17 33.91
CA PHE B 199 82.73 -53.39 32.59
C PHE B 199 83.77 -54.02 31.67
N VAL B 200 83.34 -54.94 30.83
CA VAL B 200 84.01 -55.21 29.57
C VAL B 200 82.93 -55.08 28.51
N GLY B 201 83.04 -54.06 27.66
CA GLY B 201 81.97 -53.73 26.75
C GLY B 201 80.87 -53.05 27.52
N THR B 202 79.64 -53.46 27.26
CA THR B 202 78.51 -52.94 28.00
C THR B 202 78.15 -53.80 29.19
N GLY B 203 78.83 -54.96 29.36
CA GLY B 203 78.47 -55.94 30.36
C GLY B 203 79.34 -55.84 31.60
N MET B 204 78.78 -56.28 32.73
CA MET B 204 79.51 -56.24 33.99
C MET B 204 80.26 -57.55 34.23
N VAL B 205 81.38 -57.46 34.94
CA VAL B 205 82.23 -58.61 35.28
C VAL B 205 82.78 -58.45 36.68
N VAL B 206 83.18 -59.58 37.27
CA VAL B 206 84.06 -59.61 38.44
C VAL B 206 85.49 -59.48 37.95
N LYS B 207 86.17 -58.42 38.33
CA LYS B 207 87.55 -58.24 37.94
C LYS B 207 88.42 -59.13 38.81
N ILE B 208 89.23 -60.00 38.18
CA ILE B 208 89.94 -61.08 38.86
C ILE B 208 91.42 -61.04 38.51
N ASP B 209 92.26 -61.34 39.52
CA ASP B 209 93.68 -61.64 39.31
C ASP B 209 93.81 -63.01 38.67
N THR B 210 94.36 -63.05 37.46
CA THR B 210 94.43 -64.28 36.70
C THR B 210 95.56 -65.21 37.14
N ASN B 211 96.47 -64.77 38.00
CA ASN B 211 97.34 -65.75 38.59
C ASN B 211 96.54 -66.76 39.42
N TYR B 212 95.44 -66.33 40.04
CA TYR B 212 94.74 -67.19 40.99
C TYR B 212 93.32 -67.56 40.59
N PHE B 213 92.63 -66.72 39.83
CA PHE B 213 91.22 -66.91 39.56
C PHE B 213 90.94 -67.04 38.05
N ALA B 214 89.94 -67.87 37.74
CA ALA B 214 89.42 -68.02 36.40
C ALA B 214 87.91 -68.20 36.50
N TYR B 215 87.25 -68.02 35.36
CA TYR B 215 85.84 -68.35 35.24
C TYR B 215 85.72 -69.80 34.80
N ASN B 216 84.86 -70.56 35.46
CA ASN B 216 84.67 -71.92 34.99
C ASN B 216 83.55 -71.94 33.95
N SER B 217 83.38 -73.10 33.32
CA SER B 217 82.41 -73.29 32.24
C SER B 217 81.04 -72.74 32.59
N ASN B 218 80.64 -72.84 33.86
CA ASN B 218 79.35 -72.42 34.38
C ASN B 218 79.30 -70.93 34.75
N GLY B 219 80.37 -70.19 34.52
CA GLY B 219 80.38 -68.76 34.76
C GLY B 219 80.83 -68.33 36.14
N GLU B 220 81.24 -69.28 36.99
CA GLU B 220 81.64 -68.98 38.37
C GLU B 220 83.14 -68.75 38.46
N ILE B 221 83.53 -67.83 39.36
CA ILE B 221 84.95 -67.73 39.71
C ILE B 221 85.38 -69.02 40.40
N THR B 222 86.44 -69.64 39.90
CA THR B 222 87.02 -70.80 40.55
C THR B 222 88.48 -70.50 40.81
N LEU B 223 89.16 -71.43 41.49
CA LEU B 223 90.60 -71.36 41.67
C LEU B 223 91.31 -72.13 40.55
N VAL B 224 92.47 -71.61 40.13
CA VAL B 224 93.26 -72.30 39.10
C VAL B 224 94.06 -73.46 39.72
N SER B 225 94.72 -73.24 40.86
CA SER B 225 95.55 -74.27 41.48
C SER B 225 95.32 -74.33 43.00
N MET C 4 -113.95 86.92 -59.32
CA MET C 4 -113.26 86.20 -60.38
C MET C 4 -111.77 86.53 -60.44
N GLU C 5 -111.45 87.80 -60.18
CA GLU C 5 -110.05 88.20 -60.11
C GLU C 5 -109.38 87.59 -58.88
N GLU C 6 -110.10 87.51 -57.75
CA GLU C 6 -109.51 86.93 -56.55
C GLU C 6 -109.27 85.43 -56.72
N ILE C 7 -110.03 84.80 -57.62
CA ILE C 7 -109.80 83.39 -57.90
C ILE C 7 -108.47 83.21 -58.60
N LYS C 8 -108.21 84.04 -59.62
CA LYS C 8 -106.94 83.99 -60.34
C LYS C 8 -105.75 84.28 -59.42
N LYS C 9 -105.92 85.17 -58.45
CA LYS C 9 -104.83 85.49 -57.52
C LYS C 9 -104.47 84.29 -56.66
N GLN C 10 -105.46 83.52 -56.24
CA GLN C 10 -105.17 82.34 -55.43
C GLN C 10 -104.56 81.25 -56.29
N VAL C 11 -104.98 81.13 -57.55
CA VAL C 11 -104.33 80.21 -58.48
C VAL C 11 -102.84 80.53 -58.58
N GLN C 12 -102.53 81.79 -58.80
CA GLN C 12 -101.14 82.20 -58.90
C GLN C 12 -100.36 81.88 -57.62
N VAL C 13 -100.95 82.14 -56.45
CA VAL C 13 -100.34 81.72 -55.19
C VAL C 13 -100.12 80.22 -55.17
N ASN C 14 -101.12 79.43 -55.60
CA ASN C 14 -100.95 77.97 -55.58
C ASN C 14 -99.81 77.54 -56.49
N VAL C 15 -99.69 78.15 -57.68
CA VAL C 15 -98.56 77.85 -58.55
C VAL C 15 -97.25 78.10 -57.82
N ASP C 16 -97.15 79.26 -57.14
CA ASP C 16 -95.94 79.59 -56.39
C ASP C 16 -95.66 78.57 -55.28
N ASP C 17 -96.70 78.23 -54.51
CA ASP C 17 -96.52 77.29 -53.42
C ASP C 17 -96.12 75.91 -53.95
N ILE C 18 -96.75 75.47 -55.05
CA ILE C 18 -96.34 74.19 -55.65
C ILE C 18 -94.86 74.25 -56.06
N ARG C 19 -94.44 75.34 -56.70
CA ARG C 19 -93.03 75.48 -57.04
C ARG C 19 -92.14 75.42 -55.80
N ALA C 20 -92.55 76.10 -54.70
CA ALA C 20 -91.77 76.07 -53.46
C ALA C 20 -91.70 74.67 -52.87
N ALA C 21 -92.81 73.94 -52.95
CA ALA C 21 -92.78 72.58 -52.42
C ALA C 21 -91.86 71.69 -53.27
N ASN C 22 -91.92 71.83 -54.59
CA ASN C 22 -91.02 71.04 -55.41
C ASN C 22 -89.58 71.39 -55.13
N ILE C 23 -89.29 72.67 -54.87
CA ILE C 23 -87.91 73.00 -54.50
C ILE C 23 -87.49 72.30 -53.22
N LYS C 24 -88.38 72.23 -52.21
CA LYS C 24 -88.04 71.57 -50.94
C LYS C 24 -87.88 70.08 -51.16
N LEU C 25 -88.73 69.52 -52.03
CA LEU C 25 -88.66 68.11 -52.39
C LEU C 25 -87.32 67.75 -52.99
N ASP C 26 -86.79 68.61 -53.88
CA ASP C 26 -85.48 68.35 -54.47
C ASP C 26 -84.39 68.44 -53.42
N GLY C 27 -84.52 69.36 -52.46
CA GLY C 27 -83.55 69.44 -51.39
C GLY C 27 -83.49 68.14 -50.60
N LEU C 28 -84.64 67.56 -50.30
CA LEU C 28 -84.67 66.28 -49.61
C LEU C 28 -84.05 65.20 -50.47
N GLY C 29 -84.27 65.26 -51.78
CA GLY C 29 -83.63 64.33 -52.71
C GLY C 29 -82.11 64.43 -52.71
N ARG C 30 -81.57 65.66 -52.66
CA ARG C 30 -80.13 65.84 -52.49
C ARG C 30 -79.65 65.17 -51.24
N GLN C 31 -80.32 65.43 -50.11
CA GLN C 31 -79.92 64.84 -48.84
C GLN C 31 -79.90 63.33 -48.93
N ILE C 32 -80.93 62.76 -49.53
CA ILE C 32 -80.99 61.31 -49.71
C ILE C 32 -79.77 60.84 -50.49
N ALA C 33 -79.39 61.57 -51.54
CA ALA C 33 -78.24 61.15 -52.32
C ALA C 33 -76.95 61.20 -51.51
N ASP C 34 -76.71 62.30 -50.79
CA ASP C 34 -75.55 62.34 -49.90
C ASP C 34 -75.59 61.19 -48.89
N ILE C 35 -76.74 60.96 -48.26
CA ILE C 35 -76.83 59.89 -47.26
C ILE C 35 -76.54 58.53 -47.89
N SER C 36 -77.05 58.30 -49.10
CA SER C 36 -76.83 57.02 -49.75
C SER C 36 -75.35 56.79 -50.04
N ASN C 37 -74.63 57.86 -50.36
CA ASN C 37 -73.19 57.75 -50.56
C ASN C 37 -72.47 57.48 -49.24
N SER C 38 -72.88 58.12 -48.14
CA SER C 38 -72.33 57.76 -46.84
C SER C 38 -72.53 56.28 -46.56
N ILE C 39 -73.73 55.76 -46.82
CA ILE C 39 -73.98 54.36 -46.52
C ILE C 39 -73.01 53.44 -47.27
N SER C 40 -72.82 53.69 -48.58
CA SER C 40 -71.88 52.90 -49.37
C SER C 40 -70.47 52.96 -48.78
N THR C 41 -70.02 54.18 -48.44
CA THR C 41 -68.71 54.34 -47.81
C THR C 41 -68.65 53.65 -46.46
N ILE C 42 -69.72 53.72 -45.68
CA ILE C 42 -69.72 53.09 -44.37
C ILE C 42 -69.58 51.57 -44.50
N GLU C 43 -70.23 50.97 -45.51
CA GLU C 43 -70.16 49.53 -45.70
C GLU C 43 -68.81 49.07 -46.23
N SER C 44 -68.10 49.89 -47.03
CA SER C 44 -66.73 49.54 -47.39
C SER C 44 -65.81 49.56 -46.19
N ARG C 45 -65.85 50.66 -45.41
CA ARG C 45 -64.99 50.76 -44.24
C ARG C 45 -65.26 49.61 -43.26
N LEU C 46 -66.52 49.19 -43.13
CA LEU C 46 -66.90 48.19 -42.13
C LEU C 46 -66.40 46.82 -42.54
N GLY C 47 -66.64 46.45 -43.80
CA GLY C 47 -66.10 45.22 -44.34
C GLY C 47 -64.62 45.11 -44.13
N GLU C 48 -63.88 46.19 -44.38
CA GLU C 48 -62.42 46.16 -44.19
C GLU C 48 -62.05 46.00 -42.71
N MET C 49 -62.82 46.63 -41.81
CA MET C 49 -62.53 46.53 -40.37
C MET C 49 -62.89 45.16 -39.84
N ASP C 50 -63.96 44.57 -40.37
CA ASP C 50 -64.36 43.24 -39.93
C ASP C 50 -63.28 42.23 -40.28
N ASN C 51 -62.70 42.34 -41.49
CA ASN C 51 -61.62 41.45 -41.88
C ASN C 51 -60.42 41.60 -40.93
N ARG C 52 -60.06 42.83 -40.56
CA ARG C 52 -58.94 43.04 -39.64
C ARG C 52 -59.22 42.40 -38.27
N LEU C 53 -60.46 42.51 -37.79
CA LEU C 53 -60.83 41.91 -36.53
C LEU C 53 -60.68 40.39 -36.59
N VAL C 54 -61.17 39.76 -37.66
CA VAL C 54 -61.02 38.30 -37.80
C VAL C 54 -59.54 37.93 -37.73
N GLY C 55 -58.69 38.72 -38.41
CA GLY C 55 -57.26 38.45 -38.38
C GLY C 55 -56.67 38.58 -36.99
N ILE C 56 -57.13 39.58 -36.22
CA ILE C 56 -56.65 39.73 -34.84
C ILE C 56 -57.14 38.59 -33.95
N SER C 57 -58.40 38.20 -34.10
CA SER C 57 -58.92 37.08 -33.31
C SER C 57 -58.14 35.80 -33.61
N SER C 58 -57.89 35.54 -34.89
CA SER C 58 -57.17 34.32 -35.25
C SER C 58 -55.76 34.32 -34.65
N GLN C 59 -55.12 35.49 -34.65
CA GLN C 59 -53.78 35.63 -34.09
C GLN C 59 -53.81 35.40 -32.57
N VAL C 60 -54.84 35.93 -31.93
CA VAL C 60 -54.91 35.83 -30.48
C VAL C 60 -55.15 34.39 -30.05
N THR C 61 -55.96 33.62 -30.80
CA THR C 61 -56.21 32.25 -30.37
C THR C 61 -54.98 31.37 -30.57
N GLN C 62 -54.26 31.57 -31.68
CA GLN C 62 -52.95 30.96 -31.85
C GLN C 62 -52.00 31.29 -30.67
N LEU C 63 -51.92 32.56 -30.32
CA LEU C 63 -51.08 32.98 -29.20
C LEU C 63 -51.47 32.28 -27.90
N SER C 64 -52.78 32.19 -27.61
CA SER C 64 -53.23 31.48 -26.41
C SER C 64 -52.67 30.06 -26.36
N ASN C 65 -52.74 29.34 -27.47
CA ASN C 65 -52.24 27.98 -27.47
C ASN C 65 -50.72 27.92 -27.33
N SER C 66 -50.01 28.88 -27.92
CA SER C 66 -48.55 28.90 -27.78
C SER C 66 -48.17 29.21 -26.34
N VAL C 67 -48.86 30.18 -25.73
CA VAL C 67 -48.59 30.51 -24.33
C VAL C 67 -48.85 29.29 -23.44
N SER C 68 -49.96 28.58 -23.67
CA SER C 68 -50.26 27.36 -22.89
C SER C 68 -49.14 26.36 -22.98
N GLN C 69 -48.60 26.14 -24.19
CA GLN C 69 -47.52 25.19 -24.37
C GLN C 69 -46.27 25.61 -23.60
N ASN C 70 -45.95 26.90 -23.65
CA ASN C 70 -44.80 27.43 -22.95
C ASN C 70 -44.95 27.23 -21.47
N THR C 71 -46.14 27.46 -20.93
CA THR C 71 -46.32 27.26 -19.49
C THR C 71 -46.07 25.81 -19.09
N GLN C 72 -46.46 24.85 -19.94
CA GLN C 72 -46.21 23.45 -19.64
C GLN C 72 -44.74 23.11 -19.74
N SER C 73 -44.07 23.57 -20.81
CA SER C 73 -42.64 23.28 -20.98
C SER C 73 -41.82 23.81 -19.81
N ILE C 74 -42.11 25.04 -19.41
CA ILE C 74 -41.49 25.64 -18.23
C ILE C 74 -41.62 24.70 -17.03
N SER C 75 -42.85 24.27 -16.74
CA SER C 75 -43.07 23.39 -15.60
C SER C 75 -42.26 22.12 -15.74
N SER C 76 -42.25 21.56 -16.94
CA SER C 76 -41.47 20.38 -17.23
C SER C 76 -39.97 20.64 -17.01
N LEU C 77 -39.48 21.80 -17.43
CA LEU C 77 -38.08 22.13 -17.22
C LEU C 77 -37.78 22.31 -15.76
N GLY C 78 -38.66 22.97 -15.02
CA GLY C 78 -38.50 23.07 -13.58
C GLY C 78 -38.39 21.73 -12.90
N ASP C 79 -39.21 20.76 -13.30
CA ASP C 79 -39.09 19.40 -12.74
C ASP C 79 -37.69 18.84 -12.91
N ARG C 80 -37.14 18.92 -14.14
CA ARG C 80 -35.84 18.36 -14.41
C ARG C 80 -34.74 19.09 -13.65
N ILE C 81 -34.85 20.42 -13.54
CA ILE C 81 -33.86 21.13 -12.73
C ILE C 81 -33.97 20.69 -11.29
N ASN C 82 -35.21 20.47 -10.83
CA ASN C 82 -35.45 20.08 -9.45
C ASN C 82 -34.99 18.66 -9.19
N ALA C 83 -34.97 17.82 -10.23
CA ALA C 83 -34.42 16.48 -10.09
C ALA C 83 -32.89 16.54 -9.99
N VAL C 84 -32.26 17.49 -10.68
CA VAL C 84 -30.80 17.48 -10.77
C VAL C 84 -30.16 18.12 -9.56
N GLU C 85 -30.68 19.27 -9.12
CA GLU C 85 -30.06 20.03 -8.03
C GLU C 85 -29.72 19.16 -6.82
N PRO C 86 -30.65 18.40 -6.22
CA PRO C 86 -30.28 17.55 -5.07
C PRO C 86 -29.30 16.46 -5.40
N ARG C 87 -29.27 16.00 -6.64
CA ARG C 87 -28.27 15.03 -7.04
C ARG C 87 -26.88 15.66 -7.02
N VAL C 88 -26.74 16.88 -7.55
CA VAL C 88 -25.48 17.60 -7.45
C VAL C 88 -25.12 17.85 -5.98
N ASP C 89 -26.09 18.28 -5.16
CA ASP C 89 -25.78 18.51 -3.75
C ASP C 89 -25.19 17.26 -3.09
N SER C 90 -25.85 16.13 -3.31
CA SER C 90 -25.36 14.89 -2.73
C SER C 90 -23.97 14.57 -3.25
N LEU C 91 -23.74 14.74 -4.55
CA LEU C 91 -22.40 14.46 -5.08
C LEU C 91 -21.36 15.41 -4.47
N ASP C 92 -21.73 16.68 -4.26
CA ASP C 92 -20.86 17.63 -3.56
C ASP C 92 -20.37 17.06 -2.23
N THR C 93 -21.32 16.70 -1.37
CA THR C 93 -21.05 16.12 -0.07
C THR C 93 -20.18 14.88 -0.18
N VAL C 94 -20.58 13.94 -1.03
CA VAL C 94 -19.91 12.65 -1.07
C VAL C 94 -18.48 12.81 -1.58
N THR C 95 -18.29 13.64 -2.61
CA THR C 95 -16.93 13.75 -3.12
C THR C 95 -16.00 14.48 -2.13
N SER C 96 -16.53 15.41 -1.33
CA SER C 96 -15.65 16.08 -0.38
C SER C 96 -15.29 15.17 0.79
N ASN C 97 -16.17 14.25 1.17
CA ASN C 97 -15.84 13.15 2.10
C ASN C 97 -14.76 12.23 1.50
N LEU C 98 -15.00 11.73 0.30
CA LEU C 98 -14.02 10.94 -0.44
C LEU C 98 -12.66 11.65 -0.54
N THR C 99 -12.66 12.95 -0.82
CA THR C 99 -11.40 13.70 -0.85
C THR C 99 -10.59 13.53 0.46
N GLY C 100 -11.23 13.61 1.61
CA GLY C 100 -10.50 13.49 2.86
C GLY C 100 -10.08 12.07 3.15
N ARG C 101 -10.95 11.11 2.82
CA ARG C 101 -10.62 9.70 3.01
C ARG C 101 -9.45 9.28 2.12
N THR C 102 -9.40 9.83 0.91
CA THR C 102 -8.29 9.57 0.02
C THR C 102 -7.00 10.16 0.58
N SER C 103 -7.05 11.38 1.11
CA SER C 103 -5.85 12.02 1.62
C SER C 103 -5.32 11.29 2.84
N THR C 104 -6.22 10.90 3.76
CA THR C 104 -5.85 10.05 4.88
C THR C 104 -5.26 8.73 4.42
N LEU C 105 -5.82 8.13 3.38
CA LEU C 105 -5.25 6.87 2.90
C LEU C 105 -3.81 7.09 2.44
N GLU C 106 -3.57 8.21 1.75
CA GLU C 106 -2.24 8.52 1.27
C GLU C 106 -1.24 8.74 2.40
N ALA C 107 -1.66 9.39 3.49
CA ALA C 107 -0.77 9.54 4.63
C ALA C 107 -0.51 8.18 5.29
N ASP C 108 -1.55 7.35 5.36
CA ASP C 108 -1.43 6.02 5.95
C ASP C 108 -0.50 5.12 5.12
N VAL C 109 -0.65 5.12 3.79
CA VAL C 109 0.26 4.32 2.96
C VAL C 109 1.69 4.85 3.08
N GLY C 110 1.85 6.19 3.15
CA GLY C 110 3.18 6.75 3.37
C GLY C 110 3.83 6.25 4.65
N SER C 111 3.07 6.24 5.75
CA SER C 111 3.62 5.71 7.00
C SER C 111 4.04 4.26 6.87
N LEU C 112 3.21 3.46 6.20
CA LEU C 112 3.53 2.04 6.00
C LEU C 112 4.85 1.89 5.25
N ARG C 113 5.00 2.64 4.15
CA ARG C 113 6.28 2.59 3.43
C ARG C 113 7.44 2.92 4.37
N THR C 114 7.30 3.98 5.18
CA THR C 114 8.40 4.44 6.05
C THR C 114 8.76 3.36 7.07
N GLU C 115 7.77 2.86 7.79
CA GLU C 115 7.96 1.81 8.76
C GLU C 115 8.53 0.54 8.12
N LEU C 116 8.01 0.15 6.96
CA LEU C 116 8.55 -1.04 6.30
C LEU C 116 10.00 -0.84 5.88
N ALA C 117 10.37 0.36 5.47
CA ALA C 117 11.74 0.60 5.06
C ALA C 117 12.67 0.51 6.25
N ALA C 118 12.23 1.01 7.40
CA ALA C 118 12.99 0.87 8.63
C ALA C 118 13.08 -0.60 9.05
N LEU C 119 11.98 -1.35 8.93
CA LEU C 119 12.03 -2.76 9.32
C LEU C 119 12.96 -3.53 8.40
N THR C 120 12.97 -3.19 7.10
CA THR C 120 13.86 -3.84 6.17
C THR C 120 15.31 -3.60 6.57
N THR C 121 15.63 -2.36 6.96
CA THR C 121 16.97 -2.03 7.42
C THR C 121 17.30 -2.72 8.75
N ARG C 122 16.32 -2.81 9.66
CA ARG C 122 16.52 -3.50 10.93
C ARG C 122 16.90 -4.94 10.71
N VAL C 123 16.19 -5.62 9.81
CA VAL C 123 16.49 -7.01 9.51
C VAL C 123 17.94 -7.14 9.05
N THR C 124 18.40 -6.28 8.14
CA THR C 124 19.80 -6.36 7.67
C THR C 124 20.81 -6.13 8.80
N THR C 125 20.51 -5.16 9.66
CA THR C 125 21.37 -4.80 10.78
C THR C 125 21.55 -5.96 11.74
N GLU C 126 20.45 -6.62 12.07
CA GLU C 126 20.47 -7.66 13.07
C GLU C 126 21.07 -8.95 12.52
N VAL C 127 20.80 -9.24 11.26
CA VAL C 127 21.44 -10.40 10.63
C VAL C 127 22.94 -10.20 10.58
N THR C 128 23.38 -8.99 10.25
CA THR C 128 24.81 -8.65 10.24
C THR C 128 25.43 -8.81 11.62
N ARG C 129 24.76 -8.32 12.67
CA ARG C 129 25.31 -8.48 14.01
C ARG C 129 25.39 -9.96 14.38
N LEU C 130 24.34 -10.74 14.08
CA LEU C 130 24.32 -12.17 14.42
C LEU C 130 25.35 -12.95 13.63
N ASP C 131 25.47 -12.68 12.32
CA ASP C 131 26.53 -13.30 11.52
C ASP C 131 27.91 -13.03 12.09
N GLY C 132 28.17 -11.80 12.54
CA GLY C 132 29.46 -11.48 13.13
C GLY C 132 29.74 -12.27 14.40
N LEU C 133 28.72 -12.41 15.27
CA LEU C 133 28.85 -13.24 16.45
C LEU C 133 29.15 -14.69 16.08
N ILE C 134 28.42 -15.24 15.11
CA ILE C 134 28.69 -16.60 14.63
C ILE C 134 30.11 -16.70 14.06
N ASN C 135 30.52 -15.70 13.27
CA ASN C 135 31.83 -15.76 12.63
C ASN C 135 32.94 -15.69 13.66
N SER C 136 32.76 -14.83 14.67
CA SER C 136 33.74 -14.74 15.75
C SER C 136 33.79 -16.04 16.56
N GLY C 137 32.70 -16.79 16.60
CA GLY C 137 32.69 -18.08 17.29
C GLY C 137 33.34 -19.20 16.49
N GLN C 138 33.15 -19.19 15.16
CA GLN C 138 33.90 -20.10 14.28
C GLN C 138 35.39 -19.86 14.43
N ASN C 139 35.77 -18.59 14.50
CA ASN C 139 37.17 -18.23 14.61
C ASN C 139 37.76 -18.80 15.90
N SER C 140 37.01 -18.70 17.01
CA SER C 140 37.45 -19.19 18.30
C SER C 140 37.65 -20.70 18.28
N ILE C 141 36.66 -21.45 17.78
CA ILE C 141 36.86 -22.87 17.57
C ILE C 141 38.08 -23.12 16.70
N GLY C 142 38.22 -22.35 15.63
CA GLY C 142 39.40 -22.47 14.79
C GLY C 142 40.68 -22.26 15.58
N GLU C 143 40.68 -21.28 16.49
CA GLU C 143 41.85 -21.04 17.33
C GLU C 143 42.16 -22.23 18.23
N LEU C 144 41.12 -22.75 18.89
CA LEU C 144 41.26 -23.91 19.75
C LEU C 144 41.77 -25.12 18.99
N SER C 145 41.26 -25.34 17.78
CA SER C 145 41.66 -26.50 16.99
C SER C 145 43.14 -26.43 16.66
N THR C 146 43.59 -25.27 16.18
CA THR C 146 44.99 -25.19 15.80
C THR C 146 45.89 -25.24 17.04
N ARG C 147 45.39 -24.76 18.18
CA ARG C 147 46.15 -24.82 19.41
C ARG C 147 46.29 -26.27 19.87
N LEU C 148 45.21 -27.04 19.77
CA LEU C 148 45.30 -28.46 20.04
C LEU C 148 46.30 -29.14 19.12
N SER C 149 46.22 -28.86 17.82
CA SER C 149 47.13 -29.50 16.87
C SER C 149 48.59 -29.32 17.26
N ASN C 150 48.96 -28.11 17.66
CA ASN C 150 50.34 -27.77 18.00
C ASN C 150 50.77 -28.46 19.29
N VAL C 151 49.82 -28.66 20.20
CA VAL C 151 50.14 -29.41 21.40
C VAL C 151 50.18 -30.92 21.14
N GLU C 152 49.52 -31.39 20.07
CA GLU C 152 49.58 -32.80 19.72
C GLU C 152 50.89 -33.20 19.06
N THR C 153 51.59 -32.24 18.41
CA THR C 153 52.89 -32.60 17.88
C THR C 153 53.99 -32.59 18.94
N SER C 154 53.75 -32.01 20.11
CA SER C 154 54.81 -31.87 21.10
C SER C 154 54.68 -32.79 22.31
N MET C 155 53.51 -33.33 22.57
CA MET C 155 53.26 -34.04 23.82
C MET C 155 53.66 -35.50 23.71
N VAL C 156 54.11 -36.06 24.83
CA VAL C 156 54.40 -37.48 24.88
C VAL C 156 53.10 -38.23 25.01
N THR C 157 52.95 -39.29 24.19
CA THR C 157 51.81 -40.17 24.20
C THR C 157 52.13 -41.66 24.15
N THR C 158 53.39 -42.04 23.86
CA THR C 158 53.77 -43.41 23.51
C THR C 158 55.03 -43.84 24.29
N ALA C 159 55.00 -45.08 24.77
CA ALA C 159 56.06 -45.66 25.59
C ALA C 159 57.14 -46.27 24.70
N GLY C 160 58.35 -45.75 24.77
CA GLY C 160 59.45 -46.39 24.10
C GLY C 160 60.20 -47.36 25.03
N ARG C 161 61.52 -47.39 24.93
CA ARG C 161 62.32 -48.42 25.60
C ARG C 161 62.30 -48.23 27.11
N GLY C 162 62.14 -49.32 27.84
CA GLY C 162 62.10 -49.30 29.29
C GLY C 162 60.85 -48.72 29.89
N LEU C 163 59.82 -48.44 29.09
CA LEU C 163 58.63 -47.73 29.55
C LEU C 163 57.38 -48.50 29.16
N GLN C 164 56.32 -48.28 29.92
CA GLN C 164 55.03 -48.83 29.56
C GLN C 164 53.95 -47.84 29.95
N LYS C 165 52.96 -47.68 29.09
CA LYS C 165 51.88 -46.75 29.37
C LYS C 165 50.68 -47.53 29.87
N ASN C 166 50.12 -47.06 30.99
CA ASN C 166 48.86 -47.54 31.54
C ASN C 166 47.90 -46.34 31.68
N GLY C 167 46.96 -46.21 30.75
CA GLY C 167 46.07 -45.04 30.82
C GLY C 167 46.85 -43.78 30.57
N ASN C 168 46.81 -42.84 31.53
CA ASN C 168 47.59 -41.60 31.49
C ASN C 168 48.90 -41.69 32.25
N THR C 169 49.25 -42.85 32.76
CA THR C 169 50.43 -43.02 33.58
C THR C 169 51.55 -43.68 32.77
N LEU C 170 52.75 -43.15 32.88
CA LEU C 170 53.93 -43.75 32.26
C LEU C 170 54.76 -44.40 33.34
N ASN C 171 55.17 -45.65 33.11
CA ASN C 171 55.90 -46.43 34.09
C ASN C 171 57.22 -46.89 33.50
N VAL C 172 58.29 -46.84 34.29
CA VAL C 172 59.46 -47.62 33.90
C VAL C 172 59.17 -49.07 34.20
N ILE C 173 59.56 -49.96 33.28
CA ILE C 173 59.43 -51.39 33.52
C ILE C 173 60.82 -52.01 33.57
N VAL C 174 61.01 -52.99 34.45
CA VAL C 174 62.35 -53.46 34.77
C VAL C 174 62.35 -54.97 34.79
N GLY C 175 63.53 -55.54 34.52
CA GLY C 175 63.73 -56.96 34.64
C GLY C 175 64.74 -57.25 35.73
N ASN C 176 65.62 -58.21 35.47
CA ASN C 176 66.54 -58.71 36.50
C ASN C 176 67.55 -57.66 36.90
N GLY C 177 67.74 -57.52 38.21
CA GLY C 177 68.75 -56.64 38.73
C GLY C 177 68.23 -55.29 39.18
N MET C 178 66.97 -54.99 38.86
CA MET C 178 66.40 -53.69 39.16
C MET C 178 65.00 -53.83 39.71
N TRP C 179 64.63 -52.90 40.56
CA TRP C 179 63.28 -52.81 41.08
C TRP C 179 63.07 -51.36 41.54
N PHE C 180 61.95 -51.10 42.23
CA PHE C 180 61.61 -49.77 42.69
C PHE C 180 61.42 -49.78 44.20
N ASN C 181 62.22 -48.99 44.90
CA ASN C 181 62.11 -48.85 46.35
C ASN C 181 60.81 -48.12 46.71
N SER C 182 60.52 -48.03 48.00
CA SER C 182 59.24 -47.46 48.42
C SER C 182 59.20 -45.93 48.32
N SER C 183 60.27 -45.28 47.84
CA SER C 183 60.14 -43.90 47.41
C SER C 183 59.91 -43.77 45.92
N ASN C 184 59.45 -44.84 45.28
CA ASN C 184 59.21 -44.89 43.84
C ASN C 184 60.50 -44.75 43.03
N GLN C 185 61.65 -44.89 43.65
CA GLN C 185 62.94 -44.73 42.98
C GLN C 185 63.41 -46.03 42.34
N LEU C 186 64.00 -45.92 41.16
CA LEU C 186 64.61 -47.09 40.54
C LEU C 186 65.80 -47.55 41.41
N GLN C 187 65.95 -48.85 41.60
CA GLN C 187 67.13 -49.27 42.36
C GLN C 187 67.54 -50.71 42.09
N LEU C 188 68.76 -51.03 42.51
CA LEU C 188 69.38 -52.31 42.19
C LEU C 188 68.96 -53.38 43.19
N ASP C 189 68.79 -54.58 42.70
CA ASP C 189 68.49 -55.74 43.54
C ASP C 189 69.83 -56.46 43.65
N LEU C 190 70.51 -56.29 44.77
CA LEU C 190 71.78 -56.96 45.04
C LEU C 190 71.63 -58.18 45.94
N SER C 191 70.47 -58.85 45.89
CA SER C 191 70.23 -60.08 46.66
C SER C 191 70.41 -59.84 48.16
N GLY C 192 70.04 -58.65 48.60
CA GLY C 192 70.20 -58.23 49.97
C GLY C 192 71.62 -57.98 50.40
N GLN C 193 72.59 -57.97 49.47
CA GLN C 193 74.02 -57.86 49.76
C GLN C 193 74.49 -59.03 50.60
N SER C 194 73.80 -60.15 50.46
CA SER C 194 74.28 -61.36 51.13
C SER C 194 75.10 -62.26 50.22
N LYS C 195 75.31 -61.89 48.94
CA LYS C 195 75.80 -62.84 47.96
C LYS C 195 77.00 -62.32 47.18
N GLY C 196 77.84 -61.54 47.83
CA GLY C 196 79.12 -61.19 47.29
C GLY C 196 79.16 -59.87 46.56
N VAL C 197 77.99 -59.30 46.24
CA VAL C 197 77.84 -57.97 45.62
C VAL C 197 77.24 -57.05 46.66
N GLY C 198 77.77 -55.85 46.78
CA GLY C 198 77.09 -54.88 47.60
C GLY C 198 77.55 -53.48 47.30
N PHE C 199 77.09 -52.54 48.12
CA PHE C 199 77.46 -51.14 48.01
C PHE C 199 78.40 -50.77 49.16
N VAL C 200 79.35 -49.89 48.87
CA VAL C 200 80.06 -49.17 49.90
C VAL C 200 79.87 -47.70 49.56
N GLY C 201 79.10 -47.01 50.39
CA GLY C 201 78.67 -45.69 49.98
C GLY C 201 77.81 -45.82 48.75
N THR C 202 78.17 -45.08 47.71
CA THR C 202 77.39 -45.02 46.49
C THR C 202 77.86 -46.01 45.44
N GLY C 203 78.86 -46.81 45.74
CA GLY C 203 79.60 -47.57 44.74
C GLY C 203 79.45 -49.07 44.92
N MET C 204 79.29 -49.76 43.81
CA MET C 204 79.15 -51.21 43.86
C MET C 204 80.51 -51.84 44.08
N VAL C 205 80.57 -52.84 44.98
CA VAL C 205 81.81 -53.54 45.29
C VAL C 205 81.56 -55.03 45.24
N VAL C 206 82.63 -55.79 45.05
CA VAL C 206 82.61 -57.23 45.31
C VAL C 206 82.96 -57.39 46.78
N LYS C 207 82.01 -57.87 47.57
CA LYS C 207 82.27 -58.01 49.00
C LYS C 207 83.21 -59.19 49.24
N ILE C 208 84.27 -58.97 50.03
CA ILE C 208 85.35 -59.94 50.14
C ILE C 208 85.76 -60.13 51.60
N ASP C 209 85.97 -61.39 51.98
CA ASP C 209 86.58 -61.72 53.25
C ASP C 209 88.04 -61.28 53.19
N THR C 210 88.37 -60.20 53.92
CA THR C 210 89.72 -59.66 53.81
C THR C 210 90.77 -60.47 54.57
N ASN C 211 90.40 -61.61 55.14
CA ASN C 211 91.39 -62.57 55.61
C ASN C 211 92.00 -63.39 54.49
N TYR C 212 91.40 -63.34 53.30
CA TYR C 212 91.89 -64.16 52.18
C TYR C 212 92.12 -63.32 50.94
N PHE C 213 91.30 -62.29 50.72
CA PHE C 213 91.31 -61.54 49.48
C PHE C 213 91.67 -60.08 49.72
N ALA C 214 92.14 -59.43 48.67
CA ALA C 214 92.19 -57.97 48.63
C ALA C 214 91.95 -57.51 47.19
N TYR C 215 91.96 -56.20 47.01
CA TYR C 215 91.90 -55.58 45.71
C TYR C 215 93.28 -55.03 45.36
N ASN C 216 93.81 -55.39 44.20
CA ASN C 216 95.10 -54.86 43.79
C ASN C 216 94.92 -53.48 43.14
N SER C 217 96.02 -52.92 42.60
CA SER C 217 95.96 -51.57 42.04
C SER C 217 95.06 -51.51 40.80
N ASN C 218 95.12 -52.54 39.93
CA ASN C 218 94.22 -52.75 38.80
C ASN C 218 92.76 -53.04 39.23
N GLY C 219 92.40 -52.89 40.51
CA GLY C 219 91.06 -53.11 41.00
C GLY C 219 90.55 -54.53 40.99
N GLU C 220 91.37 -55.52 40.66
CA GLU C 220 90.90 -56.90 40.59
C GLU C 220 90.97 -57.57 41.96
N ILE C 221 90.24 -58.69 42.10
CA ILE C 221 90.29 -59.45 43.34
C ILE C 221 91.50 -60.37 43.31
N THR C 222 92.25 -60.42 44.41
CA THR C 222 93.43 -61.26 44.47
C THR C 222 93.54 -61.88 45.85
N LEU C 223 94.41 -62.89 45.96
CA LEU C 223 94.75 -63.46 47.25
C LEU C 223 95.75 -62.57 47.97
N VAL C 224 95.60 -62.46 49.30
CA VAL C 224 96.52 -61.68 50.14
C VAL C 224 97.91 -62.33 50.25
CL CL D . -44.89 32.51 -23.21
CL CL E . -105.31 76.15 -58.12
CL CL F . 28.67 -20.30 17.61
#